data_4TQJ
#
_entry.id   4TQJ
#
_cell.length_a   52.600
_cell.length_b   111.700
_cell.length_c   135.970
_cell.angle_alpha   90.000
_cell.angle_beta   90.000
_cell.angle_gamma   90.000
#
_symmetry.space_group_name_H-M   'P 21 21 21'
#
loop_
_entity.id
_entity.type
_entity.pdbx_description
1 polymer 'Lectin 2'
2 water water
#
_entity_poly.entity_id   1
_entity_poly.type   'polypeptide(L)'
_entity_poly.pdbx_seq_one_letter_code
;TSNVITQDLPIPVASRGFADIVGFGLDGVVIGRNAVNLQPFLAVKNFAQNAGGWLTTKHVRLIADTTGTGKGDIVGFGNA
GVYVSVNNGKNTFADPPKMVIANFGYDAGGWRVEKHLRYLADIRKTGRADIIGFGEKGVLVSRNNGGLNFGPATLVLKDF
GYDAGGWRLDRHLRFLADVTGNGHLDIVGFGDKHVFISRNNGDGTFAPAKSVIDNFCIDAGGWKIGDHPRFVADLTGDGT
ADIIGCGKAGCWVALNNGGGVFGQVKLVINDFGTDKGWQAAKHPRFIADLTGNGRGDVVGFGNAGVYVALNNGDGTFQSA
KLVLKDFGVQQGWTVSKHRRFVVDLTGDGCADIIGFGEKETLVSYNDGKGNFGPVKALTNDFSFSGGKWAPETTVCWMAN
LDSSRH
;
_entity_poly.pdbx_strand_id   A,B
#
# COMPACT_ATOMS: atom_id res chain seq x y z
N THR A 1 18.31 -0.34 -10.69
CA THR A 1 17.46 0.75 -10.20
C THR A 1 18.22 1.62 -9.21
N SER A 2 18.04 2.94 -9.35
CA SER A 2 18.56 3.92 -8.41
C SER A 2 17.38 4.83 -8.02
N ASN A 3 17.19 5.11 -6.74
CA ASN A 3 16.24 6.18 -6.38
C ASN A 3 16.85 7.54 -6.78
N VAL A 4 16.09 8.36 -7.48
CA VAL A 4 16.64 9.59 -8.06
C VAL A 4 15.67 10.78 -7.95
N ILE A 5 16.23 11.96 -7.75
CA ILE A 5 15.45 13.17 -7.61
C ILE A 5 15.93 14.19 -8.64
N THR A 6 15.04 14.61 -9.53
CA THR A 6 15.39 15.58 -10.57
C THR A 6 14.54 16.83 -10.42
N GLN A 7 14.85 17.88 -11.16
CA GLN A 7 14.03 19.10 -11.14
C GLN A 7 12.62 18.82 -11.68
N ASP A 8 12.53 18.05 -12.76
CA ASP A 8 11.23 17.76 -13.36
C ASP A 8 10.45 16.74 -12.53
N LEU A 9 11.18 15.81 -11.93
CA LEU A 9 10.55 14.76 -11.13
C LEU A 9 11.20 14.73 -9.75
N PRO A 10 10.84 15.68 -8.90
CA PRO A 10 11.45 15.76 -7.57
C PRO A 10 10.97 14.64 -6.63
N ILE A 11 9.88 13.96 -6.99
CA ILE A 11 9.30 12.89 -6.18
C ILE A 11 9.60 11.52 -6.79
N PRO A 12 10.49 10.76 -6.15
CA PRO A 12 10.81 9.42 -6.65
C PRO A 12 9.58 8.54 -6.59
N VAL A 13 9.38 7.72 -7.61
CA VAL A 13 8.29 6.77 -7.66
C VAL A 13 8.92 5.41 -7.80
N ALA A 14 8.43 4.43 -7.06
CA ALA A 14 9.04 3.11 -7.08
C ALA A 14 8.94 2.49 -8.48
N SER A 15 10.02 1.86 -8.95
CA SER A 15 10.03 1.22 -10.26
C SER A 15 9.12 -0.01 -10.29
N ARG A 16 8.85 -0.58 -9.12
CA ARG A 16 7.93 -1.70 -9.00
C ARG A 16 6.93 -1.35 -7.91
N GLY A 17 5.68 -1.12 -8.30
CA GLY A 17 4.65 -0.75 -7.36
C GLY A 17 3.36 -0.27 -8.00
N PHE A 18 2.50 0.33 -7.19
CA PHE A 18 1.22 0.80 -7.67
C PHE A 18 1.13 2.29 -7.44
N ALA A 19 1.66 3.07 -8.38
CA ALA A 19 1.69 4.51 -8.17
C ALA A 19 0.30 5.11 -7.94
N ASP A 20 0.21 6.03 -6.98
CA ASP A 20 -1.01 6.79 -6.75
C ASP A 20 -0.96 8.18 -7.39
N ILE A 21 -2.11 8.79 -7.62
CA ILE A 21 -2.16 10.16 -8.14
C ILE A 21 -2.31 11.11 -6.98
N VAL A 22 -1.47 12.15 -6.94
CA VAL A 22 -1.64 13.19 -5.94
C VAL A 22 -1.78 14.51 -6.70
N GLY A 23 -2.93 15.16 -6.54
CA GLY A 23 -3.18 16.41 -7.22
C GLY A 23 -3.34 17.55 -6.24
N PHE A 24 -2.59 18.62 -6.46
CA PHE A 24 -2.88 19.87 -5.76
C PHE A 24 -3.83 20.66 -6.63
N GLY A 25 -5.12 20.43 -6.43
CA GLY A 25 -6.15 21.02 -7.26
C GLY A 25 -6.47 22.43 -6.81
N LEU A 26 -7.48 23.04 -7.41
CA LEU A 26 -7.84 24.42 -7.10
C LEU A 26 -8.39 24.57 -5.68
N ASP A 27 -9.06 23.53 -5.19
CA ASP A 27 -9.75 23.63 -3.90
C ASP A 27 -9.10 22.80 -2.81
N GLY A 28 -7.94 22.23 -3.12
CA GLY A 28 -7.21 21.46 -2.14
C GLY A 28 -6.58 20.22 -2.73
N VAL A 29 -5.97 19.42 -1.87
CA VAL A 29 -5.26 18.22 -2.28
C VAL A 29 -6.23 17.09 -2.58
N VAL A 30 -6.20 16.61 -3.82
CA VAL A 30 -7.05 15.52 -4.25
C VAL A 30 -6.22 14.25 -4.40
N ILE A 31 -6.58 13.19 -3.68
CA ILE A 31 -5.87 11.94 -3.78
C ILE A 31 -6.61 10.96 -4.66
N GLY A 32 -5.90 10.42 -5.64
CA GLY A 32 -6.42 9.34 -6.47
C GLY A 32 -5.69 8.05 -6.16
N ARG A 33 -6.08 7.39 -5.07
CA ARG A 33 -5.41 6.15 -4.67
C ARG A 33 -5.59 5.03 -5.70
N ASN A 34 -4.48 4.51 -6.20
CA ASN A 34 -4.48 3.38 -7.14
C ASN A 34 -5.26 2.21 -6.52
N ALA A 35 -6.48 1.98 -7.00
CA ALA A 35 -7.39 1.02 -6.37
C ALA A 35 -8.48 0.59 -7.34
N VAL A 36 -9.27 -0.40 -6.95
CA VAL A 36 -10.26 -1.00 -7.87
C VAL A 36 -11.36 -0.03 -8.28
N ASN A 37 -11.64 0.93 -7.42
CA ASN A 37 -12.65 1.94 -7.71
C ASN A 37 -12.00 3.30 -7.55
N LEU A 38 -11.24 3.71 -8.56
CA LEU A 38 -10.49 4.96 -8.48
C LEU A 38 -11.46 6.12 -8.35
N GLN A 39 -11.37 6.85 -7.25
CA GLN A 39 -12.23 8.00 -7.03
C GLN A 39 -11.45 9.11 -6.34
N PRO A 40 -11.47 10.32 -6.91
CA PRO A 40 -10.71 11.43 -6.35
C PRO A 40 -11.22 11.73 -4.94
N PHE A 41 -10.31 11.90 -3.99
CA PHE A 41 -10.68 12.14 -2.61
C PHE A 41 -10.08 13.46 -2.13
N LEU A 42 -10.94 14.43 -1.81
CA LEU A 42 -10.45 15.71 -1.29
C LEU A 42 -9.91 15.53 0.12
N ALA A 43 -8.61 15.30 0.24
CA ALA A 43 -8.01 14.94 1.53
C ALA A 43 -7.66 16.10 2.46
N VAL A 44 -7.36 17.27 1.89
CA VAL A 44 -6.94 18.44 2.65
C VAL A 44 -7.36 19.74 1.97
N LYS A 45 -8.13 20.55 2.66
CA LYS A 45 -8.57 21.84 2.14
C LYS A 45 -7.51 22.91 2.37
N ASN A 46 -6.41 22.78 1.64
CA ASN A 46 -5.30 23.68 1.77
C ASN A 46 -4.29 23.35 0.66
N PHE A 47 -3.14 24.02 0.63
CA PHE A 47 -2.14 23.76 -0.40
C PHE A 47 -2.68 24.00 -1.80
N ALA A 48 -3.60 24.93 -1.96
CA ALA A 48 -4.32 25.08 -3.21
C ALA A 48 -4.49 26.53 -3.67
N GLN A 49 -4.72 26.70 -4.96
CA GLN A 49 -4.95 28.01 -5.57
C GLN A 49 -6.06 28.76 -4.82
N ASN A 50 -7.13 28.03 -4.49
CA ASN A 50 -8.28 28.64 -3.84
C ASN A 50 -8.50 28.14 -2.42
N ALA A 51 -7.44 27.62 -1.80
CA ALA A 51 -7.46 27.27 -0.39
C ALA A 51 -6.07 27.42 0.21
N GLY A 52 -5.79 28.58 0.83
CA GLY A 52 -4.51 28.82 1.47
C GLY A 52 -3.65 29.77 0.66
N GLY A 53 -4.14 30.16 -0.51
CA GLY A 53 -3.44 31.10 -1.36
C GLY A 53 -2.15 30.60 -1.98
N TRP A 54 -2.11 29.31 -2.32
CA TRP A 54 -0.89 28.70 -2.85
C TRP A 54 -0.72 28.95 -4.33
N LEU A 55 0.51 29.27 -4.74
CA LEU A 55 0.80 29.63 -6.12
C LEU A 55 1.98 28.85 -6.69
N THR A 56 1.86 28.43 -7.93
CA THR A 56 2.96 27.74 -8.59
C THR A 56 4.14 28.69 -8.79
N THR A 57 3.88 30.00 -8.79
CA THR A 57 4.95 30.97 -9.03
C THR A 57 5.75 31.27 -7.78
N LYS A 58 5.23 30.91 -6.62
CA LYS A 58 5.89 31.28 -5.36
C LYS A 58 6.15 30.10 -4.42
N HIS A 59 5.43 29.00 -4.62
CA HIS A 59 5.49 27.91 -3.66
C HIS A 59 5.83 26.58 -4.30
N VAL A 60 6.26 25.64 -3.46
CA VAL A 60 6.64 24.30 -3.87
C VAL A 60 5.77 23.30 -3.12
N ARG A 61 5.15 22.38 -3.85
CA ARG A 61 4.27 21.40 -3.22
C ARG A 61 4.61 19.95 -3.60
N LEU A 62 4.92 19.13 -2.59
CA LEU A 62 5.47 17.81 -2.80
C LEU A 62 4.84 16.76 -1.89
N ILE A 63 5.28 15.51 -2.03
CA ILE A 63 4.91 14.41 -1.15
C ILE A 63 6.18 13.72 -0.68
N ALA A 64 6.31 13.52 0.63
CA ALA A 64 7.43 12.75 1.15
C ALA A 64 7.11 12.19 2.53
N ASP A 65 7.84 11.16 2.92
CA ASP A 65 7.66 10.59 4.25
C ASP A 65 8.48 11.41 5.23
N THR A 66 7.82 12.32 5.92
CA THR A 66 8.49 13.18 6.89
C THR A 66 8.47 12.63 8.32
N THR A 67 7.81 11.51 8.53
CA THR A 67 7.67 10.99 9.90
C THR A 67 8.35 9.66 10.11
N GLY A 68 8.56 8.92 9.02
CA GLY A 68 9.26 7.65 9.09
C GLY A 68 8.34 6.45 9.14
N THR A 69 7.04 6.70 8.98
CA THR A 69 6.05 5.62 9.00
C THR A 69 6.02 4.81 7.70
N GLY A 70 6.57 5.38 6.64
CA GLY A 70 6.48 4.76 5.33
C GLY A 70 5.29 5.30 4.58
N LYS A 71 4.53 6.18 5.21
CA LYS A 71 3.40 6.82 4.56
C LYS A 71 3.75 8.24 4.10
N GLY A 72 3.38 8.57 2.87
CA GLY A 72 3.70 9.87 2.32
C GLY A 72 2.82 11.01 2.82
N ASP A 73 3.48 12.08 3.23
CA ASP A 73 2.81 13.25 3.78
C ASP A 73 2.83 14.36 2.76
N ILE A 74 1.89 15.28 2.89
CA ILE A 74 1.85 16.47 2.04
C ILE A 74 2.79 17.50 2.59
N VAL A 75 3.66 18.02 1.74
CA VAL A 75 4.61 19.04 2.16
C VAL A 75 4.52 20.26 1.24
N GLY A 76 4.36 21.43 1.83
CA GLY A 76 4.27 22.67 1.09
C GLY A 76 5.30 23.66 1.56
N PHE A 77 6.04 24.25 0.61
CA PHE A 77 6.98 25.31 0.93
C PHE A 77 6.24 26.62 0.69
N GLY A 78 5.67 27.17 1.75
CA GLY A 78 4.86 28.38 1.66
C GLY A 78 5.68 29.65 1.78
N ASN A 79 5.03 30.73 2.24
CA ASN A 79 5.71 32.02 2.40
C ASN A 79 6.57 32.06 3.66
N ALA A 80 6.01 31.64 4.78
CA ALA A 80 6.68 31.77 6.07
C ALA A 80 7.47 30.53 6.47
N GLY A 81 7.36 29.48 5.67
CA GLY A 81 8.10 28.26 5.96
C GLY A 81 7.47 27.03 5.34
N VAL A 82 7.76 25.88 5.94
CA VAL A 82 7.30 24.61 5.42
C VAL A 82 6.17 24.07 6.28
N TYR A 83 5.09 23.65 5.61
CA TYR A 83 3.90 23.13 6.28
C TYR A 83 3.69 21.68 5.87
N VAL A 84 3.33 20.83 6.84
CA VAL A 84 3.15 19.42 6.58
C VAL A 84 1.77 18.91 7.00
N SER A 85 1.14 18.12 6.15
CA SER A 85 -0.07 17.38 6.51
C SER A 85 0.24 15.90 6.61
N VAL A 86 0.30 15.40 7.84
CA VAL A 86 0.70 14.04 8.07
C VAL A 86 -0.35 13.03 7.60
N ASN A 87 0.08 12.06 6.78
CA ASN A 87 -0.72 10.91 6.39
C ASN A 87 -0.88 9.95 7.58
N ASN A 88 -2.06 9.88 8.17
CA ASN A 88 -2.25 9.08 9.39
C ASN A 88 -2.17 7.58 9.16
N GLY A 89 -1.83 7.18 7.95
CA GLY A 89 -1.76 5.76 7.62
C GLY A 89 -3.04 5.26 6.96
N LYS A 90 -4.14 5.32 7.70
CA LYS A 90 -5.43 4.83 7.19
C LYS A 90 -6.20 5.88 6.40
N ASN A 91 -5.70 6.18 5.20
CA ASN A 91 -6.35 7.09 4.25
C ASN A 91 -6.90 8.39 4.83
N THR A 92 -6.17 8.98 5.78
CA THR A 92 -6.53 10.28 6.35
C THR A 92 -5.31 11.18 6.44
N PHE A 93 -5.46 12.44 6.02
CA PHE A 93 -4.38 13.42 6.07
C PHE A 93 -4.73 14.58 6.98
N ALA A 94 -3.80 14.96 7.85
CA ALA A 94 -4.05 16.04 8.81
C ALA A 94 -4.43 17.34 8.11
N ASP A 95 -5.49 17.97 8.61
CA ASP A 95 -5.99 19.22 8.06
C ASP A 95 -6.66 19.99 9.19
N PRO A 96 -6.16 21.19 9.51
CA PRO A 96 -5.11 21.92 8.79
C PRO A 96 -3.72 21.34 9.00
N PRO A 97 -2.78 21.65 8.11
CA PRO A 97 -1.40 21.16 8.21
C PRO A 97 -0.65 21.89 9.32
N LYS A 98 0.51 21.37 9.71
CA LYS A 98 1.32 21.97 10.76
C LYS A 98 2.61 22.58 10.19
N MET A 99 2.97 23.78 10.65
CA MET A 99 4.20 24.42 10.19
C MET A 99 5.40 23.87 10.97
N VAL A 100 6.30 23.19 10.27
CA VAL A 100 7.39 22.46 10.90
C VAL A 100 8.72 23.23 10.90
N ILE A 101 8.79 24.33 10.16
CA ILE A 101 10.02 25.13 10.15
C ILE A 101 9.86 26.49 9.47
N ALA A 102 10.48 27.50 10.08
CA ALA A 102 10.45 28.86 9.56
C ALA A 102 11.63 29.13 8.62
N ASN A 103 11.77 28.31 7.59
CA ASN A 103 12.82 28.48 6.59
C ASN A 103 12.36 27.92 5.24
N PHE A 104 13.14 28.13 4.19
CA PHE A 104 12.84 27.57 2.86
C PHE A 104 11.54 28.11 2.29
N GLY A 105 11.15 29.30 2.75
CA GLY A 105 9.94 29.94 2.26
C GLY A 105 10.22 31.17 1.43
N TYR A 106 9.19 31.63 0.73
CA TYR A 106 9.29 32.83 -0.09
C TYR A 106 9.65 34.05 0.77
N ASP A 107 9.05 34.12 1.97
CA ASP A 107 9.31 35.20 2.91
C ASP A 107 10.33 34.82 3.98
N ALA A 108 10.57 33.52 4.11
CA ALA A 108 11.55 33.03 5.07
C ALA A 108 12.80 32.54 4.35
N GLY A 109 13.76 33.42 4.16
CA GLY A 109 15.01 33.04 3.52
C GLY A 109 15.05 33.52 2.09
N GLY A 110 13.97 34.16 1.65
CA GLY A 110 13.93 34.73 0.31
C GLY A 110 14.04 33.73 -0.83
N TRP A 111 13.46 32.55 -0.64
CA TRP A 111 13.52 31.51 -1.66
C TRP A 111 12.61 31.86 -2.83
N ARG A 112 13.11 31.62 -4.04
CA ARG A 112 12.40 31.93 -5.27
C ARG A 112 12.37 30.74 -6.23
N VAL A 113 11.20 30.44 -6.78
CA VAL A 113 11.07 29.37 -7.77
C VAL A 113 11.95 29.64 -8.99
N GLU A 114 12.21 30.92 -9.27
CA GLU A 114 13.04 31.31 -10.43
C GLU A 114 14.56 31.15 -10.22
N LYS A 115 14.99 30.94 -8.98
CA LYS A 115 16.41 30.93 -8.66
C LYS A 115 16.86 29.66 -7.93
N HIS A 116 15.95 29.07 -7.16
CA HIS A 116 16.32 27.99 -6.26
C HIS A 116 15.54 26.69 -6.50
N LEU A 117 16.10 25.60 -5.97
CA LEU A 117 15.45 24.30 -5.97
C LEU A 117 15.28 23.85 -4.53
N ARG A 118 14.12 23.29 -4.21
CA ARG A 118 13.87 22.70 -2.90
C ARG A 118 13.37 21.27 -3.08
N TYR A 119 14.05 20.33 -2.42
CA TYR A 119 13.75 18.91 -2.50
C TYR A 119 13.55 18.33 -1.12
N LEU A 120 12.91 17.16 -1.07
CA LEU A 120 12.81 16.38 0.15
C LEU A 120 13.44 15.03 -0.09
N ALA A 121 14.37 14.63 0.77
CA ALA A 121 15.14 13.41 0.54
C ALA A 121 15.77 12.86 1.82
N ASP A 122 15.80 11.54 1.94
CA ASP A 122 16.42 10.86 3.06
C ASP A 122 17.92 10.75 2.83
N ILE A 123 18.62 11.87 2.87
CA ILE A 123 20.04 11.91 2.53
C ILE A 123 20.91 11.23 3.59
N ARG A 124 20.35 10.98 4.77
CA ARG A 124 21.10 10.33 5.84
C ARG A 124 20.71 8.86 6.03
N LYS A 125 19.81 8.38 5.17
CA LYS A 125 19.28 7.02 5.25
C LYS A 125 18.71 6.67 6.62
N THR A 126 17.85 7.53 7.17
CA THR A 126 17.22 7.24 8.45
C THR A 126 15.73 6.88 8.32
N GLY A 127 15.23 6.88 7.09
CA GLY A 127 13.84 6.48 6.84
C GLY A 127 12.84 7.62 6.81
N ARG A 128 13.32 8.85 6.92
CA ARG A 128 12.45 9.99 6.77
C ARG A 128 13.20 11.09 6.06
N ALA A 129 12.47 12.02 5.46
CA ALA A 129 13.06 12.99 4.53
C ALA A 129 13.61 14.25 5.19
N ASP A 130 14.87 14.54 4.93
CA ASP A 130 15.42 15.86 5.27
C ASP A 130 14.99 16.89 4.23
N ILE A 131 15.12 18.16 4.59
CA ILE A 131 14.88 19.23 3.65
C ILE A 131 16.22 19.63 3.05
N ILE A 132 16.30 19.59 1.73
CA ILE A 132 17.51 20.02 1.06
C ILE A 132 17.17 21.05 0.00
N GLY A 133 17.79 22.22 0.13
CA GLY A 133 17.50 23.30 -0.80
C GLY A 133 18.75 23.82 -1.46
N PHE A 134 18.68 24.03 -2.76
CA PHE A 134 19.78 24.64 -3.49
C PHE A 134 19.53 26.13 -3.53
N GLY A 135 20.10 26.85 -2.57
CA GLY A 135 19.79 28.25 -2.37
C GLY A 135 20.82 29.22 -2.92
N GLU A 136 20.96 30.35 -2.23
CA GLU A 136 21.84 31.41 -2.71
C GLU A 136 23.30 31.07 -2.48
N LYS A 137 23.66 30.84 -1.22
CA LYS A 137 25.05 30.60 -0.87
C LYS A 137 25.47 29.15 -1.01
N GLY A 138 24.55 28.29 -1.40
CA GLY A 138 24.88 26.89 -1.59
C GLY A 138 23.75 25.97 -1.22
N VAL A 139 24.11 24.76 -0.79
CA VAL A 139 23.13 23.74 -0.44
C VAL A 139 22.81 23.86 1.04
N LEU A 140 21.55 24.20 1.34
CA LEU A 140 21.09 24.30 2.70
C LEU A 140 20.34 23.03 3.04
N VAL A 141 20.66 22.47 4.20
CA VAL A 141 19.96 21.27 4.68
C VAL A 141 19.38 21.51 6.07
N SER A 142 18.13 21.10 6.27
CA SER A 142 17.60 21.00 7.61
C SER A 142 17.31 19.54 7.89
N ARG A 143 18.02 19.00 8.86
CA ARG A 143 17.88 17.60 9.21
C ARG A 143 16.52 17.34 9.86
N ASN A 144 15.89 16.27 9.42
CA ASN A 144 14.61 15.84 9.99
C ASN A 144 14.89 15.02 11.24
N ASN A 145 14.60 15.61 12.39
CA ASN A 145 14.97 14.99 13.66
C ASN A 145 13.85 14.29 14.39
N GLY A 146 12.85 13.83 13.64
CA GLY A 146 11.74 13.11 14.22
C GLY A 146 10.67 14.00 14.83
N GLY A 147 9.42 13.53 14.75
CA GLY A 147 8.29 14.22 15.36
C GLY A 147 8.01 15.58 14.74
N LEU A 148 8.47 15.75 13.50
CA LEU A 148 8.31 17.02 12.79
C LEU A 148 9.18 18.13 13.37
N ASN A 149 10.19 17.75 14.13
CA ASN A 149 11.22 18.69 14.54
C ASN A 149 12.34 18.67 13.52
N PHE A 150 12.56 19.82 12.88
CA PHE A 150 13.62 19.95 11.89
C PHE A 150 14.75 20.80 12.43
N GLY A 151 15.96 20.26 12.36
CA GLY A 151 17.14 21.00 12.75
C GLY A 151 17.27 22.34 12.05
N PRO A 152 18.25 23.14 12.46
CA PRO A 152 18.48 24.45 11.85
C PRO A 152 18.85 24.32 10.38
N ALA A 153 18.28 25.17 9.54
CA ALA A 153 18.69 25.27 8.14
C ALA A 153 20.16 25.62 8.11
N THR A 154 20.96 24.71 7.58
CA THR A 154 22.40 24.80 7.68
C THR A 154 23.06 24.73 6.30
N LEU A 155 23.97 25.67 6.05
CA LEU A 155 24.72 25.63 4.81
C LEU A 155 25.73 24.51 4.94
N VAL A 156 25.50 23.42 4.20
CA VAL A 156 26.35 22.24 4.31
C VAL A 156 27.38 22.12 3.19
N LEU A 157 27.19 22.89 2.13
CA LEU A 157 28.10 22.88 0.99
C LEU A 157 28.01 24.21 0.26
N LYS A 158 29.14 24.90 0.10
CA LYS A 158 29.16 26.20 -0.55
C LYS A 158 29.40 26.08 -2.07
N ASP A 159 28.42 25.52 -2.75
CA ASP A 159 28.52 25.26 -4.18
C ASP A 159 27.13 24.89 -4.67
N PHE A 160 26.93 24.88 -5.98
CA PHE A 160 25.63 24.56 -6.57
C PHE A 160 24.53 25.59 -6.23
N GLY A 161 24.92 26.81 -5.88
CA GLY A 161 23.95 27.83 -5.52
C GLY A 161 23.87 28.94 -6.54
N TYR A 162 22.76 29.66 -6.55
CA TYR A 162 22.59 30.80 -7.44
C TYR A 162 23.80 31.73 -7.28
N ASP A 163 24.25 31.91 -6.03
CA ASP A 163 25.40 32.75 -5.74
C ASP A 163 26.56 31.90 -5.19
N ALA A 164 26.72 30.69 -5.74
CA ALA A 164 27.83 29.82 -5.38
C ALA A 164 28.00 28.59 -6.29
N GLY A 165 28.66 28.70 -7.45
CA GLY A 165 28.92 29.94 -8.12
C GLY A 165 28.14 29.91 -9.43
N GLY A 166 27.12 30.76 -9.47
CA GLY A 166 26.47 31.10 -10.72
C GLY A 166 25.59 30.01 -11.32
N TRP A 167 25.02 29.17 -10.47
CA TRP A 167 24.08 28.17 -10.98
C TRP A 167 22.76 28.82 -11.39
N ARG A 168 22.28 28.44 -12.57
CA ARG A 168 21.10 29.03 -13.18
C ARG A 168 20.14 27.97 -13.73
N LEU A 169 18.85 28.15 -13.46
CA LEU A 169 17.84 27.26 -13.96
C LEU A 169 17.72 27.28 -15.48
N ASP A 170 18.14 28.37 -16.12
CA ASP A 170 18.14 28.41 -17.58
C ASP A 170 19.41 27.83 -18.25
N ARG A 171 20.37 27.38 -17.44
CA ARG A 171 21.63 26.91 -17.97
C ARG A 171 22.08 25.52 -17.47
N HIS A 172 21.70 25.20 -16.24
CA HIS A 172 22.29 24.08 -15.50
C HIS A 172 21.23 23.17 -14.89
N LEU A 173 21.65 21.97 -14.49
CA LEU A 173 20.77 21.00 -13.88
C LEU A 173 21.35 20.51 -12.56
N ARG A 174 20.51 20.36 -11.55
CA ARG A 174 20.99 19.86 -10.28
C ARG A 174 20.06 18.77 -9.77
N PHE A 175 20.61 17.56 -9.65
CA PHE A 175 19.84 16.38 -9.28
C PHE A 175 20.45 15.71 -8.05
N LEU A 176 19.74 14.76 -7.47
CA LEU A 176 20.27 13.96 -6.38
C LEU A 176 20.17 12.51 -6.82
N ALA A 177 21.25 11.76 -6.69
CA ALA A 177 21.26 10.36 -7.08
C ALA A 177 22.45 9.68 -6.45
N ASP A 178 22.36 8.38 -6.23
CA ASP A 178 23.52 7.65 -5.75
C ASP A 178 24.40 7.28 -6.93
N VAL A 179 25.51 8.00 -7.09
CA VAL A 179 26.48 7.68 -8.13
C VAL A 179 27.73 7.04 -7.54
N THR A 180 28.00 7.27 -6.25
CA THR A 180 29.21 6.72 -5.63
C THR A 180 29.05 5.25 -5.27
N GLY A 181 27.80 4.79 -5.17
CA GLY A 181 27.53 3.41 -4.82
C GLY A 181 27.47 3.09 -3.34
N ASN A 182 27.25 4.11 -2.49
CA ASN A 182 27.22 3.87 -1.05
C ASN A 182 25.80 3.91 -0.46
N GLY A 183 24.81 3.81 -1.34
CA GLY A 183 23.43 3.77 -0.91
C GLY A 183 22.82 5.14 -0.61
N HIS A 184 23.66 6.15 -0.49
CA HIS A 184 23.22 7.49 -0.15
C HIS A 184 23.15 8.40 -1.37
N LEU A 185 22.22 9.36 -1.33
CA LEU A 185 22.02 10.26 -2.47
C LEU A 185 23.11 11.31 -2.59
N ASP A 186 23.79 11.35 -3.73
CA ASP A 186 24.82 12.36 -3.97
C ASP A 186 24.25 13.54 -4.75
N ILE A 187 25.02 14.62 -4.85
CA ILE A 187 24.63 15.77 -5.65
C ILE A 187 25.26 15.63 -7.05
N VAL A 188 24.43 15.71 -8.07
CA VAL A 188 24.89 15.66 -9.44
C VAL A 188 24.52 16.96 -10.12
N GLY A 189 25.53 17.75 -10.51
CA GLY A 189 25.27 19.03 -11.14
C GLY A 189 25.85 19.17 -12.55
N PHE A 190 24.99 19.53 -13.50
CA PHE A 190 25.43 19.77 -14.87
C PHE A 190 25.73 21.26 -14.99
N GLY A 191 27.00 21.62 -14.89
CA GLY A 191 27.40 23.02 -14.87
C GLY A 191 27.68 23.62 -16.25
N ASP A 192 28.63 24.54 -16.30
CA ASP A 192 28.96 25.17 -17.57
C ASP A 192 29.84 24.25 -18.42
N LYS A 193 30.95 23.80 -17.84
CA LYS A 193 31.90 22.98 -18.58
C LYS A 193 32.07 21.53 -18.08
N HIS A 194 31.38 21.17 -17.00
CA HIS A 194 31.50 19.80 -16.47
C HIS A 194 30.26 19.36 -15.72
N VAL A 195 30.00 18.05 -15.73
CA VAL A 195 29.10 17.45 -14.74
C VAL A 195 29.94 17.29 -13.49
N PHE A 196 29.44 17.80 -12.36
CA PHE A 196 30.14 17.73 -11.08
C PHE A 196 29.38 16.77 -10.18
N ILE A 197 30.10 16.09 -9.30
CA ILE A 197 29.48 15.29 -8.25
C ILE A 197 29.98 15.80 -6.89
N SER A 198 29.09 15.87 -5.91
CA SER A 198 29.48 15.99 -4.52
C SER A 198 29.00 14.76 -3.79
N ARG A 199 29.93 13.96 -3.31
CA ARG A 199 29.61 12.69 -2.68
C ARG A 199 28.95 12.92 -1.35
N ASN A 200 27.86 12.20 -1.13
CA ASN A 200 27.22 12.15 0.17
C ASN A 200 28.03 11.21 1.05
N ASN A 201 28.62 11.73 2.12
CA ASN A 201 29.50 10.93 2.95
C ASN A 201 28.76 9.87 3.77
N GLY A 202 27.48 10.13 4.04
CA GLY A 202 26.66 9.23 4.84
C GLY A 202 26.18 9.88 6.13
N ASP A 203 26.92 10.90 6.55
CA ASP A 203 26.74 11.47 7.89
C ASP A 203 26.18 12.88 7.89
N GLY A 204 25.46 13.24 6.83
CA GLY A 204 24.92 14.57 6.73
C GLY A 204 25.92 15.58 6.17
N THR A 205 27.02 15.08 5.60
CA THR A 205 27.98 15.95 4.90
C THR A 205 28.21 15.55 3.44
N PHE A 206 28.57 16.54 2.64
CA PHE A 206 28.92 16.32 1.23
C PHE A 206 30.34 16.76 0.99
N ALA A 207 31.10 15.94 0.26
CA ALA A 207 32.45 16.30 -0.15
C ALA A 207 32.44 17.48 -1.13
N PRO A 208 33.58 18.15 -1.28
CA PRO A 208 33.68 19.22 -2.29
C PRO A 208 33.37 18.69 -3.69
N ALA A 209 32.76 19.52 -4.52
CA ALA A 209 32.41 19.12 -5.88
C ALA A 209 33.65 18.76 -6.69
N LYS A 210 33.51 17.76 -7.53
CA LYS A 210 34.58 17.31 -8.38
C LYS A 210 34.01 17.08 -9.78
N SER A 211 34.77 17.47 -10.80
CA SER A 211 34.35 17.27 -12.18
C SER A 211 34.47 15.82 -12.56
N VAL A 212 33.46 15.27 -13.24
CA VAL A 212 33.50 13.87 -13.66
C VAL A 212 33.30 13.62 -15.16
N ILE A 213 32.67 14.56 -15.85
CA ILE A 213 32.48 14.44 -17.30
C ILE A 213 32.61 15.81 -17.94
N ASP A 214 33.29 15.88 -19.08
CA ASP A 214 33.43 17.15 -19.80
C ASP A 214 32.46 17.13 -20.98
N ASN A 215 31.17 17.09 -20.65
CA ASN A 215 30.10 16.90 -21.62
C ASN A 215 28.75 17.05 -20.91
N PHE A 216 27.67 16.90 -21.65
CA PHE A 216 26.32 17.08 -21.13
C PHE A 216 26.06 18.48 -20.56
N CYS A 217 26.86 19.46 -20.96
CA CYS A 217 26.73 20.80 -20.40
C CYS A 217 26.59 21.88 -21.47
N ILE A 218 26.08 23.03 -21.06
CA ILE A 218 25.78 24.10 -22.00
C ILE A 218 27.04 24.53 -22.77
N ASP A 219 28.19 24.53 -22.11
CA ASP A 219 29.45 24.90 -22.75
C ASP A 219 30.44 23.76 -22.85
N ALA A 220 29.90 22.54 -22.84
CA ALA A 220 30.66 21.34 -23.16
C ALA A 220 29.73 20.39 -23.89
N GLY A 221 29.70 20.49 -25.21
CA GLY A 221 28.84 19.63 -26.00
C GLY A 221 27.58 20.34 -26.45
N GLY A 222 27.43 21.60 -26.03
CA GLY A 222 26.30 22.42 -26.48
C GLY A 222 24.93 21.97 -25.97
N TRP A 223 24.89 21.34 -24.80
CA TRP A 223 23.63 20.86 -24.22
C TRP A 223 22.76 22.00 -23.67
N LYS A 224 21.58 22.22 -24.24
CA LYS A 224 20.73 23.31 -23.77
C LYS A 224 19.51 22.87 -22.96
N ILE A 225 19.17 23.65 -21.94
CA ILE A 225 18.05 23.35 -21.06
C ILE A 225 16.74 23.00 -21.80
N GLY A 226 16.35 23.75 -22.81
CA GLY A 226 15.08 23.32 -23.40
C GLY A 226 15.22 21.98 -24.12
N ASP A 227 16.12 22.02 -25.06
CA ASP A 227 16.12 21.23 -26.24
C ASP A 227 16.74 19.86 -26.06
N HIS A 228 17.56 19.73 -25.01
CA HIS A 228 18.37 18.53 -24.79
C HIS A 228 18.25 18.04 -23.35
N PRO A 229 17.15 17.34 -23.06
CA PRO A 229 16.90 16.78 -21.72
C PRO A 229 18.01 15.83 -21.27
N ARG A 230 18.38 15.92 -19.99
CA ARG A 230 19.37 15.01 -19.40
C ARG A 230 18.82 14.35 -18.15
N PHE A 231 19.24 13.11 -17.94
CA PHE A 231 18.71 12.30 -16.86
C PHE A 231 19.81 11.55 -16.12
N VAL A 232 19.54 11.21 -14.87
CA VAL A 232 20.39 10.26 -14.15
C VAL A 232 19.56 9.04 -13.81
N ALA A 233 20.12 7.86 -14.04
CA ALA A 233 19.32 6.64 -13.93
C ALA A 233 20.23 5.46 -14.04
N ASP A 234 19.91 4.37 -13.35
CA ASP A 234 20.69 3.16 -13.47
C ASP A 234 20.38 2.47 -14.78
N LEU A 235 21.37 2.43 -15.67
CA LEU A 235 21.25 1.80 -16.98
C LEU A 235 22.00 0.46 -17.08
N THR A 236 22.63 0.05 -15.99
CA THR A 236 23.39 -1.21 -16.01
C THR A 236 22.93 -2.22 -14.97
N GLY A 237 22.09 -1.78 -14.03
CA GLY A 237 21.59 -2.70 -13.03
C GLY A 237 22.49 -2.86 -11.82
N ASP A 238 23.62 -2.15 -11.78
CA ASP A 238 24.53 -2.22 -10.63
C ASP A 238 24.06 -1.37 -9.44
N GLY A 239 22.92 -0.70 -9.58
CA GLY A 239 22.37 0.08 -8.49
C GLY A 239 22.89 1.51 -8.38
N THR A 240 23.85 1.87 -9.24
CA THR A 240 24.34 3.26 -9.28
C THR A 240 23.82 3.99 -10.52
N ALA A 241 23.72 5.31 -10.40
CA ALA A 241 23.18 6.15 -11.47
C ALA A 241 24.16 6.42 -12.62
N ASP A 242 23.74 6.08 -13.83
CA ASP A 242 24.46 6.47 -15.04
C ASP A 242 23.87 7.76 -15.58
N ILE A 243 24.46 8.30 -16.63
CA ILE A 243 23.97 9.54 -17.20
C ILE A 243 23.57 9.37 -18.66
N ILE A 244 22.43 9.94 -19.01
CA ILE A 244 21.93 9.85 -20.37
C ILE A 244 21.24 11.16 -20.74
N GLY A 245 21.34 11.54 -22.01
CA GLY A 245 20.78 12.79 -22.45
C GLY A 245 20.36 12.68 -23.90
N CYS A 246 19.27 13.34 -24.25
CA CYS A 246 18.79 13.37 -25.62
C CYS A 246 19.32 14.64 -26.29
N GLY A 247 20.26 14.45 -27.22
CA GLY A 247 20.94 15.56 -27.84
C GLY A 247 20.51 15.85 -29.26
N LYS A 248 21.48 16.11 -30.14
CA LYS A 248 21.18 16.42 -31.53
C LYS A 248 21.05 15.14 -32.32
N ALA A 249 22.13 14.36 -32.33
CA ALA A 249 22.21 13.16 -33.16
C ALA A 249 21.40 12.00 -32.56
N GLY A 250 21.02 12.11 -31.30
CA GLY A 250 20.32 11.03 -30.61
C GLY A 250 20.59 11.01 -29.11
N CYS A 251 20.57 9.82 -28.49
CA CYS A 251 20.86 9.69 -27.06
C CYS A 251 22.30 9.29 -26.79
N TRP A 252 22.94 10.10 -25.94
CA TRP A 252 24.33 9.90 -25.54
C TRP A 252 24.36 9.43 -24.09
N VAL A 253 25.16 8.41 -23.77
CA VAL A 253 25.35 8.05 -22.38
C VAL A 253 26.81 7.91 -21.96
N ALA A 254 27.03 8.14 -20.66
CA ALA A 254 28.31 7.85 -20.03
C ALA A 254 28.01 6.99 -18.81
N LEU A 255 28.63 5.81 -18.76
CA LEU A 255 28.32 4.84 -17.72
C LEU A 255 29.19 5.01 -16.47
N ASN A 256 28.54 4.88 -15.33
CA ASN A 256 29.14 4.91 -14.01
C ASN A 256 29.85 3.59 -13.77
N ASN A 257 31.09 3.65 -13.27
CA ASN A 257 31.85 2.41 -13.01
C ASN A 257 31.36 1.73 -11.75
N GLY A 258 30.42 2.37 -11.06
CA GLY A 258 29.88 1.83 -9.84
C GLY A 258 30.40 2.57 -8.62
N GLY A 259 31.28 3.53 -8.86
CA GLY A 259 31.85 4.31 -7.77
C GLY A 259 31.90 5.79 -8.11
N GLY A 260 31.18 6.20 -9.13
CA GLY A 260 31.11 7.61 -9.46
C GLY A 260 32.18 8.04 -10.44
N VAL A 261 32.86 7.08 -11.06
CA VAL A 261 33.75 7.39 -12.17
C VAL A 261 33.04 7.07 -13.49
N PHE A 262 33.00 8.05 -14.40
CA PHE A 262 32.28 7.89 -15.67
C PHE A 262 33.16 7.64 -16.89
N GLY A 263 32.70 6.72 -17.75
CA GLY A 263 33.39 6.37 -18.98
C GLY A 263 33.10 7.32 -20.12
N GLN A 264 33.60 6.98 -21.31
CA GLN A 264 33.44 7.87 -22.45
C GLN A 264 31.97 8.04 -22.85
N VAL A 265 31.66 9.19 -23.43
CA VAL A 265 30.29 9.52 -23.80
C VAL A 265 29.97 9.01 -25.19
N LYS A 266 29.06 8.05 -25.28
CA LYS A 266 28.78 7.36 -26.53
C LYS A 266 27.34 7.52 -26.99
N LEU A 267 27.13 7.53 -28.30
CA LEU A 267 25.80 7.59 -28.88
C LEU A 267 25.21 6.18 -28.92
N VAL A 268 24.17 5.94 -28.12
CA VAL A 268 23.60 4.60 -28.00
C VAL A 268 22.32 4.39 -28.80
N ILE A 269 21.63 5.48 -29.14
CA ILE A 269 20.38 5.42 -29.87
C ILE A 269 20.38 6.60 -30.84
N ASN A 270 20.14 6.34 -32.12
CA ASN A 270 20.07 7.43 -33.09
C ASN A 270 18.66 8.01 -33.26
N ASP A 271 18.03 8.33 -32.14
CA ASP A 271 16.68 8.88 -32.11
C ASP A 271 16.45 9.63 -30.81
N PHE A 272 15.28 10.27 -30.70
CA PHE A 272 14.89 11.05 -29.51
C PHE A 272 15.59 12.40 -29.45
N GLY A 273 16.39 12.73 -30.46
CA GLY A 273 17.08 14.01 -30.49
C GLY A 273 16.55 15.00 -31.51
N THR A 274 17.15 16.19 -31.55
CA THR A 274 16.64 17.26 -32.43
C THR A 274 16.74 16.91 -33.91
N ASP A 275 17.78 16.16 -34.29
CA ASP A 275 17.92 15.76 -35.68
C ASP A 275 16.70 14.98 -36.18
N LYS A 276 16.04 14.24 -35.29
CA LYS A 276 14.87 13.46 -35.71
C LYS A 276 13.54 14.16 -35.45
N GLY A 277 13.61 15.43 -35.04
CA GLY A 277 12.41 16.24 -34.90
C GLY A 277 11.84 16.33 -33.50
N TRP A 278 12.54 15.79 -32.51
CA TRP A 278 12.06 15.86 -31.14
C TRP A 278 12.29 17.25 -30.58
N GLN A 279 11.21 17.87 -30.11
CA GLN A 279 11.26 19.23 -29.59
C GLN A 279 10.76 19.30 -28.16
N ALA A 280 11.41 20.13 -27.35
CA ALA A 280 11.05 20.31 -25.95
C ALA A 280 9.59 20.73 -25.76
N ALA A 281 9.10 21.61 -26.64
CA ALA A 281 7.74 22.13 -26.53
C ALA A 281 6.65 21.12 -26.90
N LYS A 282 7.04 19.98 -27.46
CA LYS A 282 6.05 19.05 -27.98
C LYS A 282 6.20 17.62 -27.51
N HIS A 283 7.42 17.20 -27.19
CA HIS A 283 7.75 15.78 -27.11
C HIS A 283 8.42 15.36 -25.81
N PRO A 284 7.64 15.23 -24.74
CA PRO A 284 8.24 14.80 -23.47
C PRO A 284 8.97 13.45 -23.55
N ARG A 285 10.17 13.43 -22.97
CA ARG A 285 10.97 12.20 -22.91
C ARG A 285 11.23 11.75 -21.46
N PHE A 286 11.38 10.44 -21.25
CA PHE A 286 11.56 9.88 -19.91
C PHE A 286 12.52 8.69 -19.95
N ILE A 287 13.15 8.42 -18.82
CA ILE A 287 13.84 7.16 -18.63
C ILE A 287 13.01 6.43 -17.58
N ALA A 288 12.63 5.20 -17.88
CA ALA A 288 11.85 4.39 -16.94
C ALA A 288 12.13 2.93 -17.21
N ASP A 289 11.92 2.07 -16.21
CA ASP A 289 12.17 0.65 -16.41
C ASP A 289 10.95 -0.02 -17.01
N LEU A 290 11.01 -0.32 -18.31
CA LEU A 290 9.85 -0.86 -19.00
C LEU A 290 9.87 -2.39 -19.08
N THR A 291 10.90 -3.01 -18.48
CA THR A 291 11.01 -4.46 -18.58
C THR A 291 11.26 -5.19 -17.26
N GLY A 292 11.26 -4.46 -16.15
CA GLY A 292 11.40 -5.10 -14.85
C GLY A 292 12.78 -5.64 -14.55
N ASN A 293 13.78 -5.22 -15.32
CA ASN A 293 15.14 -5.69 -15.06
C ASN A 293 16.02 -4.73 -14.25
N GLY A 294 15.45 -3.61 -13.81
CA GLY A 294 16.23 -2.64 -13.05
C GLY A 294 17.13 -1.75 -13.90
N ARG A 295 16.94 -1.80 -15.21
CA ARG A 295 17.71 -0.95 -16.13
C ARG A 295 16.82 0.06 -16.83
N GLY A 296 17.26 1.31 -16.93
CA GLY A 296 16.44 2.33 -17.55
C GLY A 296 16.26 2.16 -19.04
N ASP A 297 15.03 2.33 -19.51
CA ASP A 297 14.70 2.34 -20.92
C ASP A 297 14.29 3.74 -21.34
N VAL A 298 14.45 4.06 -22.62
CA VAL A 298 14.11 5.38 -23.13
C VAL A 298 12.71 5.42 -23.70
N VAL A 299 11.90 6.35 -23.19
CA VAL A 299 10.51 6.50 -23.62
C VAL A 299 10.24 7.93 -24.10
N GLY A 300 9.61 8.05 -25.26
CA GLY A 300 9.35 9.37 -25.82
C GLY A 300 7.98 9.52 -26.45
N PHE A 301 7.28 10.59 -26.09
CA PHE A 301 5.97 10.87 -26.65
C PHE A 301 6.18 11.74 -27.89
N GLY A 302 6.24 11.08 -29.05
CA GLY A 302 6.51 11.76 -30.31
C GLY A 302 5.25 12.25 -30.98
N ASN A 303 5.29 12.35 -32.31
CA ASN A 303 4.17 12.86 -33.07
C ASN A 303 3.05 11.83 -33.24
N ALA A 304 3.41 10.66 -33.73
CA ALA A 304 2.43 9.63 -34.04
C ALA A 304 2.02 8.82 -32.80
N GLY A 305 2.79 8.95 -31.73
CA GLY A 305 2.51 8.18 -30.53
C GLY A 305 3.80 8.01 -29.77
N VAL A 306 3.86 6.95 -28.96
CA VAL A 306 4.97 6.75 -28.04
C VAL A 306 6.02 5.86 -28.63
N TYR A 307 7.27 6.29 -28.54
CA TYR A 307 8.42 5.51 -28.99
C TYR A 307 9.25 5.04 -27.81
N VAL A 308 9.85 3.87 -27.95
CA VAL A 308 10.66 3.30 -26.88
C VAL A 308 11.90 2.67 -27.43
N ALA A 309 13.02 2.84 -26.73
CA ALA A 309 14.22 2.06 -27.02
C ALA A 309 14.56 1.30 -25.75
N LEU A 310 14.61 -0.03 -25.86
CA LEU A 310 14.90 -0.88 -24.72
C LEU A 310 16.39 -1.12 -24.51
N ASN A 311 16.80 -1.02 -23.24
CA ASN A 311 18.16 -1.28 -22.78
C ASN A 311 18.44 -2.77 -22.87
N ASN A 312 19.58 -3.14 -23.44
CA ASN A 312 19.94 -4.55 -23.57
C ASN A 312 20.26 -5.12 -22.18
N GLY A 313 20.47 -4.22 -21.22
CA GLY A 313 20.78 -4.60 -19.86
C GLY A 313 22.15 -4.11 -19.42
N ASP A 314 22.93 -3.58 -20.34
CA ASP A 314 24.31 -3.21 -20.06
C ASP A 314 24.61 -1.75 -20.45
N GLY A 315 23.57 -0.97 -20.71
CA GLY A 315 23.79 0.42 -21.10
C GLY A 315 23.91 0.61 -22.60
N THR A 316 23.79 -0.48 -23.36
CA THR A 316 23.54 -0.37 -24.80
C THR A 316 22.06 -0.61 -25.03
N PHE A 317 21.57 -0.22 -26.20
CA PHE A 317 20.14 -0.19 -26.47
C PHE A 317 19.78 -0.74 -27.84
N GLN A 318 18.59 -1.32 -27.92
CA GLN A 318 17.94 -1.64 -29.17
C GLN A 318 17.47 -0.36 -29.85
N SER A 319 17.13 -0.47 -31.12
CA SER A 319 16.54 0.65 -31.85
C SER A 319 15.19 1.10 -31.27
N ALA A 320 14.88 2.36 -31.49
CA ALA A 320 13.60 2.90 -31.06
C ALA A 320 12.52 2.38 -31.99
N LYS A 321 11.36 2.03 -31.43
CA LYS A 321 10.21 1.69 -32.27
C LYS A 321 8.94 2.31 -31.71
N LEU A 322 7.93 2.45 -32.56
CA LEU A 322 6.64 2.98 -32.12
C LEU A 322 5.90 1.86 -31.38
N VAL A 323 5.55 2.09 -30.13
CA VAL A 323 4.92 1.02 -29.34
C VAL A 323 3.44 1.25 -29.07
N LEU A 324 2.97 2.48 -29.25
CA LEU A 324 1.63 2.82 -28.85
C LEU A 324 1.18 4.02 -29.66
N LYS A 325 0.12 3.84 -30.45
CA LYS A 325 -0.38 4.89 -31.34
C LYS A 325 -1.34 5.84 -30.62
N ASP A 326 -0.84 6.47 -29.56
CA ASP A 326 -1.64 7.40 -28.78
C ASP A 326 -0.73 8.28 -27.92
N PHE A 327 -1.33 9.27 -27.25
CA PHE A 327 -0.62 10.16 -26.33
C PHE A 327 0.39 11.06 -27.03
N GLY A 328 0.23 11.20 -28.35
CA GLY A 328 1.18 11.98 -29.12
C GLY A 328 0.61 13.27 -29.66
N VAL A 329 1.45 14.02 -30.36
CA VAL A 329 1.05 15.31 -30.93
C VAL A 329 -0.11 15.16 -31.93
N GLN A 330 -0.06 14.11 -32.73
CA GLN A 330 -1.12 13.87 -33.71
C GLN A 330 -2.49 13.75 -33.05
N GLN A 331 -2.53 13.04 -31.91
CA GLN A 331 -3.79 12.85 -31.19
C GLN A 331 -4.23 14.09 -30.39
N GLY A 332 -3.41 15.14 -30.41
CA GLY A 332 -3.84 16.39 -29.82
C GLY A 332 -3.25 16.69 -28.44
N TRP A 333 -2.36 15.82 -27.97
CA TRP A 333 -1.75 16.04 -26.66
C TRP A 333 -0.76 17.20 -26.68
N THR A 334 -0.83 18.07 -25.67
CA THR A 334 0.05 19.23 -25.60
C THR A 334 0.72 19.33 -24.24
N VAL A 335 1.95 19.81 -24.26
CA VAL A 335 2.72 19.99 -23.04
C VAL A 335 2.08 21.04 -22.13
N SER A 336 1.42 22.04 -22.73
CA SER A 336 0.87 23.16 -21.97
C SER A 336 -0.45 22.84 -21.24
N LYS A 337 -1.14 21.77 -21.63
CA LYS A 337 -2.44 21.46 -21.05
C LYS A 337 -2.52 20.10 -20.41
N HIS A 338 -1.73 19.17 -20.93
CA HIS A 338 -1.91 17.78 -20.54
C HIS A 338 -0.71 17.25 -19.76
N ARG A 339 -0.94 16.24 -18.94
CA ARG A 339 0.12 15.68 -18.12
C ARG A 339 0.33 14.24 -18.49
N ARG A 340 1.57 13.85 -18.78
CA ARG A 340 1.85 12.44 -19.04
C ARG A 340 2.91 11.88 -18.09
N PHE A 341 2.75 10.61 -17.74
CA PHE A 341 3.65 9.94 -16.80
C PHE A 341 3.99 8.55 -17.29
N VAL A 342 5.18 8.11 -16.94
CA VAL A 342 5.63 6.75 -17.22
C VAL A 342 6.03 6.12 -15.89
N VAL A 343 5.13 5.32 -15.33
CA VAL A 343 5.29 4.76 -13.98
C VAL A 343 4.60 3.40 -13.87
N ASP A 344 5.06 2.55 -12.97
CA ASP A 344 4.41 1.27 -12.75
C ASP A 344 3.12 1.51 -11.97
N LEU A 345 2.00 1.10 -12.56
CA LEU A 345 0.71 1.17 -11.89
C LEU A 345 0.25 -0.20 -11.41
N THR A 346 0.99 -1.25 -11.78
CA THR A 346 0.47 -2.62 -11.65
C THR A 346 1.35 -3.62 -10.90
N GLY A 347 2.46 -3.16 -10.32
CA GLY A 347 3.28 -4.01 -9.49
C GLY A 347 4.21 -5.01 -10.17
N ASP A 348 4.36 -4.94 -11.50
CA ASP A 348 5.24 -5.88 -12.17
C ASP A 348 6.62 -5.29 -12.51
N GLY A 349 6.90 -4.06 -12.07
CA GLY A 349 8.20 -3.44 -12.34
C GLY A 349 8.40 -2.97 -13.79
N CYS A 350 7.35 -3.05 -14.58
CA CYS A 350 7.41 -2.59 -15.97
C CYS A 350 6.50 -1.38 -16.11
N ALA A 351 7.08 -0.23 -16.45
CA ALA A 351 6.34 1.02 -16.34
C ALA A 351 5.17 1.12 -17.31
N ASP A 352 4.07 1.67 -16.81
CA ASP A 352 2.89 1.83 -17.62
C ASP A 352 2.80 3.29 -18.02
N ILE A 353 1.80 3.60 -18.83
CA ILE A 353 1.65 4.97 -19.32
C ILE A 353 0.28 5.50 -18.96
N ILE A 354 0.26 6.65 -18.31
CA ILE A 354 -1.01 7.30 -17.97
C ILE A 354 -0.94 8.75 -18.41
N GLY A 355 -2.04 9.24 -18.95
CA GLY A 355 -2.09 10.59 -19.47
C GLY A 355 -3.35 11.30 -19.02
N PHE A 356 -3.19 12.48 -18.42
CA PHE A 356 -4.33 13.31 -18.04
C PHE A 356 -4.67 14.19 -19.24
N GLY A 357 -5.70 13.81 -19.98
CA GLY A 357 -6.02 14.45 -21.25
C GLY A 357 -6.96 15.65 -21.15
N GLU A 358 -7.60 15.98 -22.26
CA GLU A 358 -8.49 17.15 -22.31
C GLU A 358 -9.69 16.94 -21.40
N LYS A 359 -10.34 15.78 -21.53
CA LYS A 359 -11.57 15.49 -20.81
C LYS A 359 -11.53 14.14 -20.11
N GLU A 360 -10.48 13.37 -20.39
CA GLU A 360 -10.33 12.02 -19.84
C GLU A 360 -8.91 11.74 -19.38
N THR A 361 -8.78 10.90 -18.36
CA THR A 361 -7.51 10.33 -17.97
C THR A 361 -7.40 8.92 -18.56
N LEU A 362 -6.43 8.73 -19.45
CA LEU A 362 -6.27 7.47 -20.17
C LEU A 362 -5.04 6.71 -19.70
N VAL A 363 -5.06 5.41 -19.94
CA VAL A 363 -3.96 4.59 -19.47
C VAL A 363 -3.73 3.48 -20.48
N SER A 364 -2.47 3.09 -20.64
CA SER A 364 -2.16 1.89 -21.36
C SER A 364 -1.17 1.08 -20.54
N TYR A 365 -1.45 -0.22 -20.37
CA TYR A 365 -0.62 -1.05 -19.52
C TYR A 365 0.49 -1.78 -20.25
N ASN A 366 1.67 -1.78 -19.63
CA ASN A 366 2.82 -2.51 -20.14
C ASN A 366 2.49 -3.99 -20.07
N ASP A 367 2.94 -4.77 -21.04
CA ASP A 367 2.59 -6.19 -21.03
C ASP A 367 3.58 -7.03 -20.22
N GLY A 368 4.55 -6.37 -19.60
CA GLY A 368 5.58 -7.06 -18.85
C GLY A 368 6.84 -7.28 -19.70
N LYS A 369 6.77 -6.86 -20.95
CA LYS A 369 7.87 -7.03 -21.90
C LYS A 369 8.27 -5.72 -22.59
N GLY A 370 7.58 -4.62 -22.28
CA GLY A 370 7.88 -3.35 -22.90
C GLY A 370 6.92 -3.01 -24.02
N ASN A 371 5.93 -3.88 -24.24
CA ASN A 371 4.90 -3.59 -25.22
C ASN A 371 3.70 -3.05 -24.46
N PHE A 372 2.76 -2.46 -25.19
CA PHE A 372 1.63 -1.80 -24.55
C PHE A 372 0.29 -2.28 -25.04
N GLY A 373 -0.66 -2.36 -24.10
CA GLY A 373 -1.99 -2.84 -24.40
C GLY A 373 -2.88 -1.73 -24.91
N PRO A 374 -4.15 -2.04 -25.20
CA PRO A 374 -5.05 -1.01 -25.70
C PRO A 374 -5.24 0.10 -24.67
N VAL A 375 -5.40 1.32 -25.17
CA VAL A 375 -5.63 2.48 -24.31
C VAL A 375 -7.01 2.34 -23.72
N LYS A 376 -7.15 2.75 -22.46
CA LYS A 376 -8.41 2.61 -21.76
C LYS A 376 -8.74 3.88 -21.01
N ALA A 377 -10.02 4.21 -20.97
CA ALA A 377 -10.48 5.34 -20.18
C ALA A 377 -10.55 4.91 -18.72
N LEU A 378 -9.71 5.50 -17.89
CA LEU A 378 -9.65 5.15 -16.48
C LEU A 378 -10.60 6.02 -15.65
N THR A 379 -10.65 7.31 -15.95
CA THR A 379 -11.56 8.24 -15.25
C THR A 379 -11.65 9.64 -15.92
N ASN A 380 -12.76 10.33 -15.72
CA ASN A 380 -12.88 11.72 -16.16
C ASN A 380 -12.08 12.65 -15.28
N ASP A 381 -11.80 12.22 -14.06
CA ASP A 381 -11.10 13.05 -13.08
C ASP A 381 -9.63 13.25 -13.45
N PHE A 382 -9.07 14.35 -12.96
CA PHE A 382 -7.67 14.76 -13.18
C PHE A 382 -7.37 15.30 -14.57
N SER A 383 -8.29 15.11 -15.51
CA SER A 383 -8.14 15.67 -16.85
C SER A 383 -8.17 17.21 -16.83
N PHE A 384 -7.59 17.82 -17.85
CA PHE A 384 -7.55 19.28 -17.96
C PHE A 384 -8.92 19.92 -17.75
N SER A 385 -9.94 19.34 -18.38
CA SER A 385 -11.32 19.75 -18.15
C SER A 385 -11.45 21.27 -18.17
N GLY A 386 -11.06 21.85 -19.30
CA GLY A 386 -11.25 23.28 -19.55
C GLY A 386 -10.51 24.20 -18.60
N GLY A 387 -9.66 23.65 -17.75
CA GLY A 387 -8.91 24.51 -16.83
C GLY A 387 -8.91 24.04 -15.38
N LYS A 388 -9.81 23.12 -15.06
CA LYS A 388 -9.88 22.54 -13.73
C LYS A 388 -8.52 22.06 -13.25
N TRP A 389 -7.72 21.55 -14.19
CA TRP A 389 -6.37 21.13 -13.84
C TRP A 389 -5.29 21.84 -14.64
N ALA A 390 -5.47 23.14 -14.83
CA ALA A 390 -4.49 23.94 -15.56
C ALA A 390 -3.15 23.88 -14.83
N PRO A 391 -2.07 23.69 -15.60
CA PRO A 391 -0.68 23.66 -15.11
C PRO A 391 -0.28 24.96 -14.44
N GLU A 392 -0.94 26.07 -14.78
CA GLU A 392 -0.61 27.34 -14.16
C GLU A 392 -1.06 27.44 -12.70
N THR A 393 -2.07 26.65 -12.34
CA THR A 393 -2.77 26.82 -11.08
C THR A 393 -2.83 25.55 -10.24
N THR A 394 -2.49 24.41 -10.84
CA THR A 394 -2.53 23.12 -10.15
C THR A 394 -1.19 22.41 -10.33
N VAL A 395 -0.90 21.47 -9.45
CA VAL A 395 0.25 20.59 -9.56
C VAL A 395 -0.26 19.16 -9.44
N CYS A 396 0.20 18.27 -10.31
CA CYS A 396 -0.12 16.85 -10.16
C CYS A 396 1.14 16.03 -10.21
N TRP A 397 1.18 15.02 -9.36
CA TRP A 397 2.31 14.12 -9.32
C TRP A 397 1.78 12.68 -9.23
N MET A 398 2.58 11.74 -9.72
CA MET A 398 2.42 10.35 -9.29
C MET A 398 3.32 10.16 -8.07
N ALA A 399 2.87 9.34 -7.12
CA ALA A 399 3.65 9.03 -5.92
C ALA A 399 3.15 7.74 -5.28
N ASN A 400 4.02 7.04 -4.57
CA ASN A 400 3.59 5.87 -3.81
C ASN A 400 3.26 6.29 -2.38
N LEU A 401 1.98 6.47 -2.12
CA LEU A 401 1.54 6.90 -0.80
C LEU A 401 1.97 5.92 0.27
N ASP A 402 1.96 4.64 -0.08
CA ASP A 402 2.46 3.60 0.81
C ASP A 402 3.84 3.11 0.33
N SER A 403 4.90 3.76 0.82
CA SER A 403 6.26 3.36 0.46
C SER A 403 6.99 2.69 1.63
N THR B 1 -13.26 0.69 16.97
CA THR B 1 -12.66 -0.44 16.27
C THR B 1 -11.62 -1.12 17.13
N SER B 2 -11.60 -2.46 17.12
CA SER B 2 -10.57 -3.21 17.80
C SER B 2 -10.02 -4.33 16.90
N ASN B 3 -8.72 -4.58 16.97
CA ASN B 3 -8.08 -5.65 16.21
C ASN B 3 -8.49 -7.02 16.74
N VAL B 4 -9.08 -7.87 15.90
CA VAL B 4 -9.65 -9.13 16.36
C VAL B 4 -9.33 -10.32 15.47
N ILE B 5 -8.95 -11.42 16.11
CA ILE B 5 -8.64 -12.65 15.39
C ILE B 5 -9.64 -13.74 15.75
N THR B 6 -10.29 -14.29 14.74
CA THR B 6 -11.29 -15.33 14.96
C THR B 6 -10.96 -16.57 14.15
N GLN B 7 -11.71 -17.64 14.40
CA GLN B 7 -11.48 -18.90 13.69
C GLN B 7 -11.81 -18.77 12.21
N ASP B 8 -12.90 -18.06 11.92
CA ASP B 8 -13.38 -17.87 10.56
C ASP B 8 -12.60 -16.78 9.85
N LEU B 9 -12.18 -15.78 10.62
CA LEU B 9 -11.40 -14.66 10.09
C LEU B 9 -10.13 -14.53 10.93
N PRO B 10 -9.15 -15.42 10.70
CA PRO B 10 -7.91 -15.37 11.48
C PRO B 10 -7.05 -14.17 11.09
N ILE B 11 -7.37 -13.52 9.96
CA ILE B 11 -6.60 -12.37 9.52
C ILE B 11 -7.37 -11.05 9.66
N PRO B 12 -6.92 -10.18 10.57
CA PRO B 12 -7.56 -8.87 10.75
C PRO B 12 -7.44 -8.04 9.46
N VAL B 13 -8.51 -7.36 9.08
CA VAL B 13 -8.48 -6.46 7.92
C VAL B 13 -8.81 -5.09 8.46
N ALA B 14 -8.16 -4.05 7.92
CA ALA B 14 -8.41 -2.69 8.37
C ALA B 14 -9.84 -2.23 8.07
N SER B 15 -10.50 -1.60 9.03
CA SER B 15 -11.86 -1.06 8.84
C SER B 15 -11.84 0.16 7.91
N ARG B 16 -10.68 0.77 7.78
CA ARG B 16 -10.52 1.88 6.84
C ARG B 16 -9.30 1.64 5.98
N GLY B 17 -9.52 1.28 4.72
CA GLY B 17 -8.42 0.96 3.83
C GLY B 17 -8.86 0.33 2.52
N PHE B 18 -7.90 -0.31 1.86
CA PHE B 18 -8.12 -0.86 0.53
C PHE B 18 -7.70 -2.32 0.51
N ALA B 19 -8.62 -3.19 0.94
CA ALA B 19 -8.29 -4.58 1.12
C ALA B 19 -7.86 -5.27 -0.17
N ASP B 20 -6.84 -6.12 -0.06
CA ASP B 20 -6.33 -6.87 -1.20
C ASP B 20 -6.83 -8.31 -1.16
N ILE B 21 -6.97 -8.90 -2.33
CA ILE B 21 -7.30 -10.31 -2.45
C ILE B 21 -6.02 -11.11 -2.34
N VAL B 22 -6.03 -12.13 -1.49
CA VAL B 22 -4.91 -13.05 -1.41
C VAL B 22 -5.48 -14.46 -1.53
N GLY B 23 -5.12 -15.14 -2.60
CA GLY B 23 -5.70 -16.44 -2.87
C GLY B 23 -4.62 -17.51 -2.94
N PHE B 24 -4.77 -18.56 -2.14
CA PHE B 24 -3.92 -19.72 -2.28
C PHE B 24 -4.59 -20.63 -3.30
N GLY B 25 -4.25 -20.45 -4.57
CA GLY B 25 -4.85 -21.22 -5.65
C GLY B 25 -4.21 -22.59 -5.80
N LEU B 26 -4.45 -23.23 -6.93
CA LEU B 26 -3.94 -24.58 -7.17
C LEU B 26 -2.45 -24.57 -7.50
N ASP B 27 -1.96 -23.48 -8.07
CA ASP B 27 -0.59 -23.43 -8.59
C ASP B 27 0.35 -22.53 -7.83
N GLY B 28 -0.15 -21.93 -6.74
CA GLY B 28 0.66 -21.04 -5.91
C GLY B 28 -0.16 -19.89 -5.33
N VAL B 29 0.53 -18.95 -4.69
CA VAL B 29 -0.11 -17.81 -4.07
C VAL B 29 -0.41 -16.77 -5.13
N VAL B 30 -1.69 -16.44 -5.28
CA VAL B 30 -2.10 -15.43 -6.25
C VAL B 30 -2.55 -14.17 -5.52
N ILE B 31 -1.89 -13.06 -5.82
CA ILE B 31 -2.20 -11.77 -5.22
C ILE B 31 -3.12 -10.99 -6.16
N GLY B 32 -4.25 -10.55 -5.63
CA GLY B 32 -5.20 -9.74 -6.36
C GLY B 32 -5.16 -8.37 -5.74
N ARG B 33 -4.08 -7.66 -5.99
CA ARG B 33 -3.85 -6.45 -5.25
C ARG B 33 -4.86 -5.35 -5.67
N ASN B 34 -5.44 -4.69 -4.66
CA ASN B 34 -6.49 -3.70 -4.87
C ASN B 34 -5.90 -2.53 -5.65
N ALA B 35 -6.24 -2.42 -6.94
CA ALA B 35 -5.56 -1.50 -7.85
C ALA B 35 -6.39 -1.25 -9.10
N VAL B 36 -5.98 -0.29 -9.93
CA VAL B 36 -6.78 0.15 -11.07
C VAL B 36 -6.94 -0.94 -12.14
N ASN B 37 -5.94 -1.81 -12.26
CA ASN B 37 -6.01 -2.92 -13.20
C ASN B 37 -5.82 -4.24 -12.45
N LEU B 38 -6.85 -4.64 -11.71
CA LEU B 38 -6.77 -5.84 -10.88
C LEU B 38 -6.47 -7.05 -11.75
N GLN B 39 -5.37 -7.73 -11.48
CA GLN B 39 -5.02 -8.94 -12.21
C GLN B 39 -4.38 -9.94 -11.25
N PRO B 40 -4.66 -11.23 -11.44
CA PRO B 40 -4.01 -12.23 -10.60
C PRO B 40 -2.52 -12.21 -10.86
N PHE B 41 -1.72 -12.16 -9.80
CA PHE B 41 -0.28 -12.24 -9.92
C PHE B 41 0.19 -13.47 -9.16
N LEU B 42 0.74 -14.46 -9.87
CA LEU B 42 1.24 -15.67 -9.20
C LEU B 42 2.57 -15.34 -8.51
N ALA B 43 2.50 -15.05 -7.21
CA ALA B 43 3.62 -14.46 -6.47
C ALA B 43 4.62 -15.50 -5.98
N VAL B 44 4.13 -16.67 -5.60
CA VAL B 44 4.96 -17.74 -5.08
C VAL B 44 4.39 -19.07 -5.57
N LYS B 45 5.23 -19.85 -6.24
CA LYS B 45 4.84 -21.18 -6.69
C LYS B 45 5.03 -22.15 -5.53
N ASN B 46 4.25 -21.95 -4.47
CA ASN B 46 4.24 -22.83 -3.31
C ASN B 46 2.94 -22.58 -2.53
N PHE B 47 2.81 -23.22 -1.36
CA PHE B 47 1.62 -23.03 -0.52
C PHE B 47 0.31 -23.43 -1.23
N ALA B 48 0.38 -24.38 -2.16
CA ALA B 48 -0.76 -24.66 -3.02
C ALA B 48 -1.00 -26.15 -3.18
N GLN B 49 -2.25 -26.51 -3.46
CA GLN B 49 -2.65 -27.89 -3.73
C GLN B 49 -1.67 -28.57 -4.71
N ASN B 50 -1.36 -27.90 -5.81
CA ASN B 50 -0.44 -28.47 -6.78
C ASN B 50 0.91 -27.75 -6.84
N ALA B 51 1.36 -27.25 -5.68
CA ALA B 51 2.69 -26.67 -5.59
C ALA B 51 3.17 -26.67 -4.14
N GLY B 52 3.86 -27.76 -3.76
CA GLY B 52 4.35 -27.91 -2.41
C GLY B 52 3.54 -28.89 -1.56
N GLY B 53 2.41 -29.34 -2.07
CA GLY B 53 1.62 -30.34 -1.38
C GLY B 53 0.73 -29.79 -0.28
N TRP B 54 0.25 -28.56 -0.47
CA TRP B 54 -0.56 -27.90 0.56
C TRP B 54 -2.06 -28.21 0.45
N LEU B 55 -2.68 -28.53 1.58
CA LEU B 55 -4.04 -29.04 1.62
C LEU B 55 -4.87 -28.35 2.69
N THR B 56 -6.11 -28.03 2.36
CA THR B 56 -6.98 -27.32 3.30
C THR B 56 -7.27 -28.16 4.54
N THR B 57 -7.17 -29.47 4.39
CA THR B 57 -7.51 -30.40 5.45
C THR B 57 -6.31 -30.68 6.35
N LYS B 58 -5.13 -30.18 5.97
CA LYS B 58 -3.90 -30.55 6.65
C LYS B 58 -3.08 -29.35 7.11
N HIS B 59 -3.29 -28.21 6.46
CA HIS B 59 -2.42 -27.07 6.67
C HIS B 59 -3.18 -25.76 6.94
N VAL B 60 -2.46 -24.79 7.52
CA VAL B 60 -3.01 -23.46 7.76
C VAL B 60 -2.21 -22.45 6.94
N ARG B 61 -2.93 -21.62 6.20
CA ARG B 61 -2.29 -20.66 5.31
C ARG B 61 -2.84 -19.24 5.53
N LEU B 62 -1.94 -18.35 5.92
CA LEU B 62 -2.31 -17.01 6.38
C LEU B 62 -1.43 -15.90 5.78
N ILE B 63 -1.76 -14.67 6.15
CA ILE B 63 -0.93 -13.51 5.85
C ILE B 63 -0.70 -12.77 7.15
N ALA B 64 0.54 -12.39 7.44
CA ALA B 64 0.82 -11.58 8.61
C ALA B 64 2.20 -10.95 8.48
N ASP B 65 2.42 -9.82 9.13
CA ASP B 65 3.73 -9.18 9.13
C ASP B 65 4.62 -9.91 10.11
N THR B 66 5.49 -10.78 9.58
CA THR B 66 6.40 -11.55 10.40
C THR B 66 7.73 -10.82 10.61
N THR B 67 7.96 -9.75 9.85
CA THR B 67 9.26 -9.10 9.89
C THR B 67 9.24 -7.74 10.57
N GLY B 68 8.07 -7.09 10.61
CA GLY B 68 7.93 -5.80 11.26
C GLY B 68 8.11 -4.62 10.34
N THR B 69 8.09 -4.88 9.04
CA THR B 69 8.24 -3.83 8.04
C THR B 69 6.91 -3.15 7.73
N GLY B 70 5.83 -3.68 8.31
CA GLY B 70 4.49 -3.20 8.00
C GLY B 70 3.88 -3.85 6.77
N LYS B 71 4.58 -4.82 6.20
CA LYS B 71 4.12 -5.51 4.99
C LYS B 71 3.82 -6.98 5.25
N GLY B 72 2.62 -7.41 4.89
CA GLY B 72 2.18 -8.77 5.15
C GLY B 72 2.96 -9.83 4.39
N ASP B 73 3.38 -10.87 5.10
CA ASP B 73 4.13 -11.97 4.51
C ASP B 73 3.24 -13.19 4.36
N ILE B 74 3.60 -14.10 3.46
CA ILE B 74 2.87 -15.35 3.32
C ILE B 74 3.41 -16.32 4.35
N VAL B 75 2.52 -16.89 5.16
CA VAL B 75 2.93 -17.84 6.18
C VAL B 75 2.10 -19.13 6.07
N GLY B 76 2.78 -20.28 6.07
CA GLY B 76 2.09 -21.55 6.02
C GLY B 76 2.56 -22.55 7.08
N PHE B 77 1.60 -23.11 7.81
CA PHE B 77 1.87 -24.23 8.71
C PHE B 77 1.79 -25.51 7.88
N GLY B 78 2.95 -26.04 7.52
CA GLY B 78 3.01 -27.22 6.67
C GLY B 78 3.25 -28.49 7.48
N ASN B 79 3.84 -29.50 6.86
CA ASN B 79 4.09 -30.79 7.52
C ASN B 79 5.22 -30.71 8.55
N ALA B 80 6.36 -30.21 8.14
CA ALA B 80 7.57 -30.22 8.96
C ALA B 80 7.74 -28.95 9.80
N GLY B 81 6.92 -27.95 9.56
CA GLY B 81 6.98 -26.72 10.31
C GLY B 81 6.37 -25.52 9.59
N VAL B 82 6.66 -24.34 10.10
CA VAL B 82 6.08 -23.10 9.59
C VAL B 82 6.99 -22.44 8.56
N TYR B 83 6.42 -22.15 7.39
CA TYR B 83 7.17 -21.57 6.28
C TYR B 83 6.73 -20.14 6.00
N VAL B 84 7.69 -19.27 5.67
CA VAL B 84 7.39 -17.86 5.38
C VAL B 84 7.98 -17.44 4.03
N SER B 85 7.16 -16.76 3.23
CA SER B 85 7.66 -16.03 2.07
C SER B 85 7.60 -14.53 2.36
N VAL B 86 8.74 -13.93 2.67
CA VAL B 86 8.82 -12.51 3.00
C VAL B 86 8.39 -11.58 1.83
N ASN B 87 7.57 -10.60 2.16
CA ASN B 87 7.16 -9.54 1.24
C ASN B 87 8.17 -8.39 1.26
N ASN B 88 8.89 -8.18 0.17
CA ASN B 88 10.03 -7.24 0.15
C ASN B 88 9.69 -5.74 0.08
N GLY B 89 8.41 -5.41 0.05
CA GLY B 89 7.98 -4.02 0.01
C GLY B 89 7.76 -3.51 -1.41
N LYS B 90 8.20 -4.31 -2.39
CA LYS B 90 8.09 -3.94 -3.79
C LYS B 90 7.35 -5.04 -4.55
N ASN B 91 6.23 -5.47 -3.99
CA ASN B 91 5.38 -6.52 -4.56
C ASN B 91 6.12 -7.79 -4.98
N THR B 92 7.13 -8.17 -4.22
CA THR B 92 7.91 -9.37 -4.49
C THR B 92 7.93 -10.25 -3.26
N PHE B 93 7.62 -11.53 -3.44
CA PHE B 93 7.54 -12.47 -2.33
C PHE B 93 8.62 -13.55 -2.49
N ALA B 94 9.42 -13.76 -1.46
CA ALA B 94 10.49 -14.76 -1.54
C ALA B 94 9.95 -16.13 -1.95
N ASP B 95 10.68 -16.78 -2.85
CA ASP B 95 10.25 -18.04 -3.42
C ASP B 95 11.51 -18.77 -3.82
N PRO B 96 11.77 -19.95 -3.23
CA PRO B 96 10.87 -20.65 -2.29
C PRO B 96 10.81 -20.01 -0.91
N PRO B 97 9.74 -20.31 -0.16
CA PRO B 97 9.68 -19.83 1.23
C PRO B 97 10.79 -20.46 2.04
N LYS B 98 11.04 -19.93 3.23
CA LYS B 98 11.99 -20.55 4.12
C LYS B 98 11.30 -20.94 5.41
N MET B 99 11.71 -22.06 5.99
CA MET B 99 11.16 -22.52 7.24
C MET B 99 11.71 -21.67 8.37
N VAL B 100 10.84 -21.26 9.30
CA VAL B 100 11.26 -20.42 10.40
C VAL B 100 11.19 -21.15 11.75
N ILE B 101 10.42 -22.24 11.81
CA ILE B 101 10.41 -23.10 12.99
C ILE B 101 9.86 -24.47 12.68
N ALA B 102 10.57 -25.50 13.12
CA ALA B 102 10.15 -26.88 12.90
C ALA B 102 9.17 -27.32 13.98
N ASN B 103 8.03 -26.63 14.03
CA ASN B 103 6.95 -26.98 14.95
C ASN B 103 5.62 -26.44 14.42
N PHE B 104 4.54 -26.68 15.15
CA PHE B 104 3.19 -26.28 14.72
C PHE B 104 2.82 -26.87 13.35
N GLY B 105 3.46 -27.97 12.97
CA GLY B 105 3.17 -28.62 11.70
C GLY B 105 2.41 -29.93 11.88
N TYR B 106 1.86 -30.47 10.80
CA TYR B 106 1.11 -31.73 10.89
C TYR B 106 2.02 -32.84 11.38
N ASP B 107 3.23 -32.91 10.85
CA ASP B 107 4.19 -33.91 11.29
C ASP B 107 4.99 -33.43 12.50
N ALA B 108 5.33 -32.16 12.53
CA ALA B 108 6.11 -31.60 13.63
C ALA B 108 5.21 -31.11 14.75
N GLY B 109 4.94 -31.99 15.71
CA GLY B 109 4.12 -31.65 16.87
C GLY B 109 2.72 -32.24 16.77
N GLY B 110 2.41 -32.88 15.65
CA GLY B 110 1.14 -33.56 15.48
C GLY B 110 -0.09 -32.66 15.48
N TRP B 111 0.07 -31.48 14.90
CA TRP B 111 -1.03 -30.51 14.83
C TRP B 111 -2.07 -30.96 13.81
N ARG B 112 -3.34 -30.77 14.14
CA ARG B 112 -4.43 -31.20 13.26
C ARG B 112 -5.49 -30.11 13.11
N VAL B 113 -5.84 -29.83 11.86
CA VAL B 113 -6.89 -28.86 11.57
C VAL B 113 -8.19 -29.28 12.26
N GLU B 114 -8.36 -30.58 12.46
CA GLU B 114 -9.57 -31.10 13.07
C GLU B 114 -9.61 -30.89 14.59
N LYS B 115 -8.45 -30.55 15.17
CA LYS B 115 -8.33 -30.56 16.63
C LYS B 115 -7.82 -29.25 17.23
N HIS B 116 -7.03 -28.51 16.45
CA HIS B 116 -6.23 -27.42 17.00
C HIS B 116 -6.41 -26.11 16.21
N LEU B 117 -6.01 -25.00 16.83
CA LEU B 117 -6.03 -23.70 16.18
C LEU B 117 -4.64 -23.09 16.13
N ARG B 118 -4.29 -22.53 14.98
CA ARG B 118 -3.02 -21.85 14.85
C ARG B 118 -3.21 -20.44 14.27
N TYR B 119 -2.76 -19.43 14.99
CA TYR B 119 -2.92 -18.03 14.63
C TYR B 119 -1.57 -17.34 14.56
N LEU B 120 -1.50 -16.21 13.88
CA LEU B 120 -0.33 -15.34 13.98
C LEU B 120 -0.81 -14.02 14.54
N ALA B 121 -0.19 -13.54 15.60
CA ALA B 121 -0.62 -12.26 16.17
C ALA B 121 0.48 -11.56 16.92
N ASP B 122 0.39 -10.23 16.94
CA ASP B 122 1.34 -9.39 17.63
C ASP B 122 0.93 -9.24 19.09
N ILE B 123 0.95 -10.36 19.82
CA ILE B 123 0.49 -10.38 21.21
C ILE B 123 1.39 -9.59 22.17
N ARG B 124 2.62 -9.27 21.72
CA ARG B 124 3.52 -8.48 22.53
C ARG B 124 3.54 -7.01 22.10
N LYS B 125 2.88 -6.71 20.98
CA LYS B 125 2.79 -5.34 20.47
C LYS B 125 4.16 -4.77 20.12
N THR B 126 4.97 -5.55 19.38
CA THR B 126 6.30 -5.12 19.01
C THR B 126 6.42 -4.90 17.50
N GLY B 127 5.29 -4.96 16.80
CA GLY B 127 5.28 -4.69 15.37
C GLY B 127 5.37 -5.91 14.47
N ARG B 128 5.48 -7.10 15.06
CA ARG B 128 5.61 -8.32 14.28
C ARG B 128 4.91 -9.47 15.00
N ALA B 129 4.49 -10.49 14.24
CA ALA B 129 3.58 -11.50 14.73
C ALA B 129 4.28 -12.69 15.40
N ASP B 130 3.85 -13.00 16.62
CA ASP B 130 4.21 -14.26 17.28
C ASP B 130 3.30 -15.36 16.76
N ILE B 131 3.72 -16.60 16.94
CA ILE B 131 2.86 -17.73 16.61
C ILE B 131 2.11 -18.12 17.87
N ILE B 132 0.78 -18.23 17.78
CA ILE B 132 -0.03 -18.70 18.90
C ILE B 132 -0.86 -19.90 18.49
N GLY B 133 -0.70 -21.00 19.22
CA GLY B 133 -1.39 -22.23 18.87
C GLY B 133 -2.20 -22.78 20.04
N PHE B 134 -3.41 -23.25 19.76
CA PHE B 134 -4.23 -23.91 20.78
C PHE B 134 -4.13 -25.37 20.48
N GLY B 135 -3.20 -26.03 21.17
CA GLY B 135 -2.88 -27.40 20.85
C GLY B 135 -3.52 -28.37 21.83
N GLU B 136 -2.78 -29.43 22.14
CA GLU B 136 -3.25 -30.53 22.98
C GLU B 136 -3.27 -30.14 24.46
N LYS B 137 -2.11 -29.76 25.00
CA LYS B 137 -1.98 -29.49 26.43
C LYS B 137 -2.19 -28.02 26.79
N GLY B 138 -2.61 -27.20 25.83
CA GLY B 138 -2.87 -25.80 26.12
C GLY B 138 -2.49 -24.84 25.02
N VAL B 139 -2.17 -23.61 25.41
CA VAL B 139 -1.73 -22.58 24.46
C VAL B 139 -0.20 -22.61 24.31
N LEU B 140 0.25 -22.93 23.10
CA LEU B 140 1.68 -22.92 22.78
C LEU B 140 2.01 -21.64 22.04
N VAL B 141 3.10 -20.99 22.46
CA VAL B 141 3.57 -19.79 21.78
C VAL B 141 5.02 -19.93 21.33
N SER B 142 5.32 -19.38 20.15
CA SER B 142 6.71 -19.21 19.74
C SER B 142 6.95 -17.74 19.51
N ARG B 143 7.89 -17.18 20.26
CA ARG B 143 8.18 -15.76 20.20
C ARG B 143 8.92 -15.41 18.92
N ASN B 144 8.38 -14.44 18.20
CA ASN B 144 9.04 -13.91 17.01
C ASN B 144 10.21 -13.03 17.43
N ASN B 145 11.42 -13.53 17.23
CA ASN B 145 12.61 -12.82 17.70
C ASN B 145 13.28 -11.94 16.65
N GLY B 146 12.65 -11.81 15.49
CA GLY B 146 13.14 -10.93 14.45
C GLY B 146 14.06 -11.66 13.49
N GLY B 147 14.17 -11.13 12.27
CA GLY B 147 15.02 -11.75 11.27
C GLY B 147 14.60 -13.19 11.02
N LEU B 148 13.32 -13.48 11.27
CA LEU B 148 12.76 -14.81 11.12
C LEU B 148 13.40 -15.85 12.06
N ASN B 149 13.90 -15.39 13.20
CA ASN B 149 14.27 -16.29 14.28
C ASN B 149 13.07 -16.49 15.20
N PHE B 150 12.66 -17.74 15.41
CA PHE B 150 11.55 -18.01 16.34
C PHE B 150 12.02 -18.85 17.54
N GLY B 151 11.64 -18.42 18.74
CA GLY B 151 12.00 -19.14 19.95
C GLY B 151 11.28 -20.48 20.08
N PRO B 152 11.75 -21.33 21.00
CA PRO B 152 11.11 -22.63 21.22
C PRO B 152 9.61 -22.49 21.48
N ALA B 153 8.81 -23.37 20.90
CA ALA B 153 7.38 -23.40 21.17
C ALA B 153 7.19 -23.73 22.63
N THR B 154 6.57 -22.80 23.36
CA THR B 154 6.48 -22.91 24.81
C THR B 154 5.03 -22.97 25.29
N LEU B 155 4.76 -23.90 26.19
CA LEU B 155 3.43 -24.05 26.76
C LEU B 155 3.21 -22.96 27.80
N VAL B 156 2.52 -21.88 27.41
CA VAL B 156 2.34 -20.74 28.29
C VAL B 156 1.06 -20.76 29.13
N LEU B 157 0.11 -21.62 28.77
CA LEU B 157 -1.16 -21.67 29.50
C LEU B 157 -1.77 -23.05 29.40
N LYS B 158 -2.03 -23.68 30.54
CA LYS B 158 -2.57 -25.03 30.54
C LYS B 158 -4.10 -25.01 30.51
N ASP B 159 -4.64 -24.39 29.46
CA ASP B 159 -6.09 -24.26 29.29
C ASP B 159 -6.34 -23.98 27.80
N PHE B 160 -7.59 -24.15 27.36
CA PHE B 160 -7.97 -23.88 25.98
C PHE B 160 -7.40 -24.92 25.01
N GLY B 161 -7.05 -26.09 25.54
CA GLY B 161 -6.45 -27.13 24.71
C GLY B 161 -7.42 -28.27 24.41
N TYR B 162 -7.10 -29.06 23.39
CA TYR B 162 -7.93 -30.21 23.05
C TYR B 162 -7.92 -31.21 24.21
N ASP B 163 -6.83 -31.23 24.96
CA ASP B 163 -6.71 -32.14 26.10
C ASP B 163 -6.39 -31.36 27.38
N ALA B 164 -7.10 -30.24 27.55
CA ALA B 164 -6.96 -29.35 28.72
C ALA B 164 -7.85 -28.10 28.67
N GLY B 165 -9.12 -28.17 29.05
CA GLY B 165 -9.83 -29.40 29.28
C GLY B 165 -10.94 -29.56 28.25
N GLY B 166 -10.64 -30.36 27.23
CA GLY B 166 -11.62 -30.80 26.26
C GLY B 166 -12.19 -29.73 25.36
N TRP B 167 -11.38 -28.76 24.94
CA TRP B 167 -11.88 -27.79 23.98
C TRP B 167 -12.05 -28.47 22.64
N ARG B 168 -13.21 -28.26 22.01
CA ARG B 168 -13.55 -28.92 20.76
C ARG B 168 -14.10 -27.91 19.76
N LEU B 169 -13.68 -28.05 18.50
CA LEU B 169 -14.15 -27.19 17.41
C LEU B 169 -15.64 -27.36 17.09
N ASP B 170 -16.19 -28.55 17.33
CA ASP B 170 -17.63 -28.73 17.10
C ASP B 170 -18.51 -28.05 18.15
N ARG B 171 -17.88 -27.36 19.10
CA ARG B 171 -18.57 -26.96 20.33
C ARG B 171 -18.23 -25.59 20.93
N HIS B 172 -16.96 -25.19 20.79
CA HIS B 172 -16.43 -24.02 21.49
C HIS B 172 -15.79 -23.04 20.51
N LEU B 173 -15.63 -21.80 20.95
CA LEU B 173 -14.99 -20.78 20.14
C LEU B 173 -13.79 -20.22 20.88
N ARG B 174 -12.66 -20.07 20.18
CA ARG B 174 -11.49 -19.42 20.76
C ARG B 174 -10.97 -18.29 19.85
N PHE B 175 -11.02 -17.07 20.37
CA PHE B 175 -10.65 -15.86 19.64
C PHE B 175 -9.54 -15.10 20.34
N LEU B 176 -8.81 -14.27 19.60
CA LEU B 176 -7.94 -13.27 20.21
C LEU B 176 -8.55 -11.88 20.05
N ALA B 177 -8.62 -11.12 21.13
CA ALA B 177 -9.14 -9.76 21.07
C ALA B 177 -8.78 -9.00 22.34
N ASP B 178 -8.65 -7.68 22.25
CA ASP B 178 -8.39 -6.87 23.44
C ASP B 178 -9.72 -6.56 24.13
N VAL B 179 -9.99 -7.29 25.21
CA VAL B 179 -11.21 -7.11 25.98
C VAL B 179 -10.91 -6.47 27.33
N THR B 180 -9.66 -6.56 27.77
CA THR B 180 -9.27 -5.91 29.05
C THR B 180 -9.14 -4.40 28.91
N GLY B 181 -8.75 -3.95 27.72
CA GLY B 181 -8.58 -2.53 27.49
C GLY B 181 -7.12 -2.11 27.54
N ASN B 182 -6.24 -3.09 27.73
CA ASN B 182 -4.81 -2.80 27.86
C ASN B 182 -4.06 -2.77 26.53
N GLY B 183 -4.80 -2.77 25.43
CA GLY B 183 -4.21 -2.64 24.10
C GLY B 183 -3.56 -3.91 23.57
N HIS B 184 -3.63 -4.98 24.34
CA HIS B 184 -3.04 -6.25 23.96
C HIS B 184 -4.10 -7.34 23.78
N LEU B 185 -3.91 -8.19 22.76
CA LEU B 185 -4.88 -9.22 22.43
C LEU B 185 -5.00 -10.26 23.55
N ASP B 186 -6.19 -10.40 24.10
CA ASP B 186 -6.48 -11.39 25.14
C ASP B 186 -7.08 -12.65 24.55
N ILE B 187 -7.05 -13.74 25.31
CA ILE B 187 -7.71 -14.97 24.87
C ILE B 187 -9.17 -14.95 25.33
N VAL B 188 -10.07 -15.13 24.36
CA VAL B 188 -11.51 -15.20 24.64
C VAL B 188 -12.04 -16.55 24.22
N GLY B 189 -12.56 -17.30 25.19
CA GLY B 189 -13.00 -18.65 24.95
C GLY B 189 -14.45 -18.91 25.33
N PHE B 190 -15.26 -19.31 24.33
CA PHE B 190 -16.63 -19.70 24.58
C PHE B 190 -16.63 -21.20 24.89
N GLY B 191 -16.66 -21.54 26.18
CA GLY B 191 -16.54 -22.92 26.60
C GLY B 191 -17.87 -23.65 26.75
N ASP B 192 -17.92 -24.59 27.69
CA ASP B 192 -19.15 -25.34 27.92
C ASP B 192 -20.18 -24.43 28.59
N LYS B 193 -19.78 -23.78 29.68
CA LYS B 193 -20.74 -23.07 30.52
C LYS B 193 -20.42 -21.61 30.76
N HIS B 194 -19.30 -21.13 30.20
CA HIS B 194 -18.89 -19.75 30.43
C HIS B 194 -18.07 -19.22 29.25
N VAL B 195 -18.14 -17.90 29.03
CA VAL B 195 -17.15 -17.24 28.21
C VAL B 195 -15.96 -16.98 29.12
N PHE B 196 -14.79 -17.48 28.74
CA PHE B 196 -13.58 -17.30 29.52
C PHE B 196 -12.69 -16.24 28.91
N ILE B 197 -12.08 -15.42 29.75
CA ILE B 197 -10.97 -14.56 29.35
C ILE B 197 -9.66 -15.07 29.95
N SER B 198 -8.58 -15.02 29.18
CA SER B 198 -7.23 -15.08 29.75
C SER B 198 -6.50 -13.81 29.35
N ARG B 199 -6.34 -12.91 30.31
CA ARG B 199 -5.73 -11.61 30.04
C ARG B 199 -4.30 -11.73 29.51
N ASN B 200 -3.97 -10.85 28.58
CA ASN B 200 -2.63 -10.71 28.06
C ASN B 200 -1.86 -9.77 28.99
N ASN B 201 -0.84 -10.29 29.65
CA ASN B 201 -0.05 -9.48 30.57
C ASN B 201 0.69 -8.38 29.81
N GLY B 202 1.47 -8.77 28.81
CA GLY B 202 2.27 -7.85 28.02
C GLY B 202 3.47 -8.57 27.46
N ASP B 203 4.28 -9.12 28.35
CA ASP B 203 5.48 -9.88 27.98
C ASP B 203 5.15 -11.06 27.06
N GLY B 204 3.91 -11.14 26.62
CA GLY B 204 3.48 -12.27 25.81
C GLY B 204 3.12 -13.45 26.69
N THR B 205 2.63 -13.15 27.90
CA THR B 205 2.16 -14.19 28.79
C THR B 205 0.70 -13.95 29.14
N PHE B 206 0.00 -15.01 29.52
CA PHE B 206 -1.43 -14.91 29.80
C PHE B 206 -1.79 -15.37 31.21
N ALA B 207 -2.72 -14.66 31.84
CA ALA B 207 -3.21 -14.99 33.17
C ALA B 207 -4.22 -16.14 33.13
N PRO B 208 -4.42 -16.82 34.26
CA PRO B 208 -5.34 -17.96 34.29
C PRO B 208 -6.69 -17.57 33.73
N ALA B 209 -7.38 -18.51 33.07
CA ALA B 209 -8.68 -18.23 32.49
C ALA B 209 -9.70 -17.86 33.56
N LYS B 210 -10.45 -16.79 33.30
CA LYS B 210 -11.45 -16.30 34.25
C LYS B 210 -12.82 -16.19 33.58
N SER B 211 -13.83 -16.75 34.22
CA SER B 211 -15.19 -16.67 33.70
C SER B 211 -15.68 -15.23 33.69
N VAL B 212 -16.23 -14.76 32.56
CA VAL B 212 -16.80 -13.40 32.51
C VAL B 212 -18.28 -13.34 32.12
N ILE B 213 -18.80 -14.38 31.47
CA ILE B 213 -20.21 -14.37 31.08
C ILE B 213 -20.79 -15.77 31.13
N ASP B 214 -21.97 -15.90 31.74
CA ASP B 214 -22.60 -17.21 31.85
C ASP B 214 -23.67 -17.35 30.78
N ASN B 215 -23.21 -17.47 29.54
CA ASN B 215 -24.09 -17.37 28.39
C ASN B 215 -23.27 -17.52 27.11
N PHE B 216 -23.93 -17.54 25.96
CA PHE B 216 -23.27 -17.65 24.67
C PHE B 216 -22.54 -18.98 24.50
N CYS B 217 -22.91 -19.99 25.29
CA CYS B 217 -22.21 -21.27 25.24
C CYS B 217 -23.13 -22.46 24.95
N ILE B 218 -22.54 -23.59 24.57
CA ILE B 218 -23.33 -24.77 24.26
C ILE B 218 -24.11 -25.26 25.47
N ASP B 219 -23.55 -25.04 26.66
CA ASP B 219 -24.24 -25.45 27.89
C ASP B 219 -24.71 -24.26 28.72
N ALA B 220 -24.66 -23.06 28.15
CA ALA B 220 -25.20 -21.87 28.81
C ALA B 220 -26.04 -21.02 27.86
N GLY B 221 -27.24 -21.49 27.56
CA GLY B 221 -28.15 -20.81 26.64
C GLY B 221 -28.40 -21.61 25.39
N GLY B 222 -27.78 -22.79 25.30
CA GLY B 222 -27.97 -23.66 24.16
C GLY B 222 -27.34 -23.14 22.86
N TRP B 223 -26.24 -22.42 22.97
CA TRP B 223 -25.60 -21.86 21.78
C TRP B 223 -24.81 -22.90 21.01
N LYS B 224 -25.24 -23.16 19.78
CA LYS B 224 -24.61 -24.14 18.90
C LYS B 224 -23.72 -23.47 17.85
N ILE B 225 -22.61 -24.13 17.55
CA ILE B 225 -21.61 -23.63 16.64
C ILE B 225 -22.13 -23.04 15.33
N GLY B 226 -22.83 -23.82 14.52
CA GLY B 226 -23.25 -23.24 13.24
C GLY B 226 -24.49 -22.36 13.35
N ASP B 227 -25.45 -22.85 14.11
CA ASP B 227 -26.78 -22.26 14.18
C ASP B 227 -26.82 -20.89 14.86
N HIS B 228 -25.95 -20.70 15.85
CA HIS B 228 -25.99 -19.47 16.66
C HIS B 228 -24.63 -18.82 16.69
N PRO B 229 -24.28 -18.12 15.59
CA PRO B 229 -22.95 -17.56 15.42
C PRO B 229 -22.66 -16.47 16.45
N ARG B 230 -21.44 -16.49 16.99
CA ARG B 230 -21.05 -15.46 17.93
C ARG B 230 -19.79 -14.75 17.44
N PHE B 231 -19.70 -13.47 17.75
CA PHE B 231 -18.63 -12.61 17.26
C PHE B 231 -18.05 -11.80 18.40
N VAL B 232 -16.81 -11.35 18.24
CA VAL B 232 -16.29 -10.32 19.12
C VAL B 232 -15.85 -9.14 18.23
N ALA B 233 -16.27 -7.94 18.63
CA ALA B 233 -15.93 -6.74 17.88
C ALA B 233 -16.24 -5.58 18.78
N ASP B 234 -15.68 -4.42 18.47
CA ASP B 234 -15.98 -3.21 19.22
C ASP B 234 -17.31 -2.66 18.71
N LEU B 235 -18.33 -2.71 19.56
CA LEU B 235 -19.64 -2.18 19.20
C LEU B 235 -19.92 -0.83 19.85
N THR B 236 -18.97 -0.30 20.63
CA THR B 236 -19.22 0.96 21.35
C THR B 236 -18.30 2.11 20.92
N GLY B 237 -17.18 1.77 20.30
CA GLY B 237 -16.25 2.78 19.83
C GLY B 237 -15.08 3.02 20.76
N ASP B 238 -15.00 2.26 21.85
CA ASP B 238 -14.00 2.54 22.87
C ASP B 238 -12.69 1.77 22.65
N GLY B 239 -12.63 0.93 21.63
CA GLY B 239 -11.42 0.18 21.35
C GLY B 239 -11.33 -1.17 22.04
N THR B 240 -12.32 -1.48 22.86
CA THR B 240 -12.35 -2.77 23.53
C THR B 240 -13.41 -3.62 22.86
N ALA B 241 -13.19 -4.93 22.87
CA ALA B 241 -14.09 -5.86 22.20
C ALA B 241 -15.35 -6.16 23.02
N ASP B 242 -16.50 -6.00 22.37
CA ASP B 242 -17.78 -6.41 22.91
C ASP B 242 -18.17 -7.74 22.30
N ILE B 243 -19.28 -8.28 22.77
CA ILE B 243 -19.72 -9.61 22.32
C ILE B 243 -21.14 -9.60 21.77
N ILE B 244 -21.31 -10.21 20.62
CA ILE B 244 -22.62 -10.26 19.98
C ILE B 244 -22.85 -11.64 19.40
N GLY B 245 -24.04 -12.19 19.63
CA GLY B 245 -24.34 -13.50 19.13
C GLY B 245 -25.72 -13.52 18.50
N CYS B 246 -25.85 -14.23 17.39
CA CYS B 246 -27.11 -14.31 16.66
C CYS B 246 -27.91 -15.51 17.18
N GLY B 247 -28.71 -15.30 18.21
CA GLY B 247 -29.46 -16.38 18.81
C GLY B 247 -30.68 -16.76 17.98
N LYS B 248 -31.59 -17.50 18.59
CA LYS B 248 -32.81 -17.93 17.93
C LYS B 248 -33.68 -16.75 17.54
N ALA B 249 -33.85 -15.83 18.49
CA ALA B 249 -34.82 -14.74 18.36
C ALA B 249 -34.19 -13.40 17.97
N GLY B 250 -32.90 -13.39 17.69
CA GLY B 250 -32.23 -12.16 17.31
C GLY B 250 -30.85 -12.01 17.90
N CYS B 251 -30.28 -10.81 17.77
CA CYS B 251 -28.90 -10.58 18.20
C CYS B 251 -28.85 -10.13 19.64
N TRP B 252 -28.16 -10.92 20.46
CA TRP B 252 -27.92 -10.53 21.85
C TRP B 252 -26.51 -9.98 21.98
N VAL B 253 -26.36 -8.88 22.72
CA VAL B 253 -25.04 -8.36 23.02
C VAL B 253 -24.76 -8.35 24.51
N ALA B 254 -23.50 -8.53 24.85
CA ALA B 254 -23.03 -8.19 26.18
C ALA B 254 -21.96 -7.15 25.97
N LEU B 255 -22.17 -5.97 26.54
CA LEU B 255 -21.25 -4.86 26.34
C LEU B 255 -20.11 -4.84 27.35
N ASN B 256 -18.92 -4.56 26.84
CA ASN B 256 -17.72 -4.39 27.63
C ASN B 256 -17.79 -3.02 28.28
N ASN B 257 -17.44 -2.93 29.56
CA ASN B 257 -17.45 -1.65 30.23
C ASN B 257 -16.19 -0.85 29.93
N GLY B 258 -15.28 -1.47 29.18
CA GLY B 258 -14.03 -0.82 28.86
C GLY B 258 -12.88 -1.38 29.66
N GLY B 259 -13.20 -2.22 30.65
CA GLY B 259 -12.18 -2.83 31.48
C GLY B 259 -12.25 -4.35 31.48
N GLY B 260 -13.04 -4.90 30.57
CA GLY B 260 -13.15 -6.34 30.45
C GLY B 260 -14.19 -6.98 31.36
N VAL B 261 -15.12 -6.16 31.83
CA VAL B 261 -16.22 -6.66 32.66
C VAL B 261 -17.50 -6.35 31.91
N PHE B 262 -18.41 -7.32 31.80
CA PHE B 262 -19.52 -7.18 30.85
C PHE B 262 -20.88 -6.89 31.51
N GLY B 263 -21.72 -6.16 30.79
CA GLY B 263 -23.05 -5.85 31.27
C GLY B 263 -24.02 -6.97 31.00
N GLN B 264 -25.30 -6.75 31.30
CA GLN B 264 -26.33 -7.76 31.10
C GLN B 264 -26.44 -8.13 29.62
N VAL B 265 -26.65 -9.41 29.33
CA VAL B 265 -26.94 -9.85 27.95
C VAL B 265 -28.33 -9.35 27.58
N LYS B 266 -28.42 -8.62 26.48
CA LYS B 266 -29.70 -8.03 26.06
C LYS B 266 -29.91 -8.12 24.55
N LEU B 267 -31.18 -8.12 24.15
CA LEU B 267 -31.54 -8.31 22.75
C LEU B 267 -31.65 -6.95 22.07
N VAL B 268 -30.83 -6.74 21.04
CA VAL B 268 -30.78 -5.43 20.39
C VAL B 268 -31.23 -5.41 18.92
N ILE B 269 -31.35 -6.59 18.32
CA ILE B 269 -31.85 -6.68 16.96
C ILE B 269 -32.76 -7.89 16.85
N ASN B 270 -34.01 -7.67 16.44
CA ASN B 270 -34.97 -8.76 16.31
C ASN B 270 -34.89 -9.48 14.96
N ASP B 271 -33.69 -9.90 14.58
CA ASP B 271 -33.51 -10.59 13.31
C ASP B 271 -32.15 -11.29 13.30
N PHE B 272 -31.83 -11.94 12.19
CA PHE B 272 -30.56 -12.64 12.02
C PHE B 272 -30.45 -14.00 12.72
N GLY B 273 -31.53 -14.46 13.35
CA GLY B 273 -31.54 -15.73 14.05
C GLY B 273 -32.38 -16.82 13.39
N THR B 274 -32.31 -18.04 13.90
CA THR B 274 -33.03 -19.16 13.29
C THR B 274 -34.55 -18.94 13.25
N ASP B 275 -35.09 -18.21 14.22
CA ASP B 275 -36.52 -17.91 14.22
C ASP B 275 -36.94 -17.23 12.92
N LYS B 276 -36.10 -16.35 12.40
CA LYS B 276 -36.45 -15.65 11.18
C LYS B 276 -35.80 -16.27 9.96
N GLY B 277 -35.42 -17.54 10.09
CA GLY B 277 -34.99 -18.34 8.95
C GLY B 277 -33.51 -18.35 8.66
N TRP B 278 -32.72 -17.67 9.48
CA TRP B 278 -31.27 -17.63 9.26
C TRP B 278 -30.66 -18.96 9.63
N GLN B 279 -29.91 -19.54 8.70
CA GLN B 279 -29.39 -20.89 8.86
C GLN B 279 -27.90 -20.95 8.58
N ALA B 280 -27.18 -21.71 9.40
CA ALA B 280 -25.73 -21.86 9.24
C ALA B 280 -25.30 -22.27 7.83
N ALA B 281 -26.09 -23.12 7.18
CA ALA B 281 -25.66 -23.68 5.90
C ALA B 281 -25.83 -22.71 4.72
N LYS B 282 -26.63 -21.66 4.93
CA LYS B 282 -27.12 -20.86 3.82
C LYS B 282 -26.77 -19.38 3.93
N HIS B 283 -26.64 -18.88 5.16
CA HIS B 283 -26.74 -17.44 5.40
C HIS B 283 -25.62 -16.91 6.26
N PRO B 284 -24.43 -16.71 5.68
CA PRO B 284 -23.30 -16.23 6.49
C PRO B 284 -23.56 -14.83 7.04
N ARG B 285 -23.16 -14.61 8.29
CA ARG B 285 -23.35 -13.31 8.91
C ARG B 285 -22.01 -12.74 9.35
N PHE B 286 -21.95 -11.42 9.53
CA PHE B 286 -20.68 -10.74 9.78
C PHE B 286 -20.90 -9.51 10.67
N ILE B 287 -19.86 -9.11 11.39
CA ILE B 287 -19.84 -7.79 11.99
C ILE B 287 -18.82 -6.97 11.20
N ALA B 288 -19.22 -5.80 10.74
CA ALA B 288 -18.32 -4.94 9.99
C ALA B 288 -18.78 -3.52 10.15
N ASP B 289 -17.87 -2.57 9.97
CA ASP B 289 -18.24 -1.17 10.10
C ASP B 289 -18.71 -0.63 8.75
N LEU B 290 -20.03 -0.52 8.59
CA LEU B 290 -20.65 -0.03 7.36
C LEU B 290 -20.81 1.49 7.28
N THR B 291 -20.44 2.21 8.34
CA THR B 291 -20.73 3.64 8.42
C THR B 291 -19.52 4.51 8.73
N GLY B 292 -18.41 3.88 9.06
CA GLY B 292 -17.18 4.62 9.32
C GLY B 292 -17.11 5.23 10.70
N ASN B 293 -18.04 4.86 11.58
CA ASN B 293 -18.03 5.44 12.93
C ASN B 293 -17.26 4.62 13.96
N GLY B 294 -16.63 3.53 13.53
CA GLY B 294 -15.79 2.72 14.40
C GLY B 294 -16.52 1.72 15.26
N ARG B 295 -17.83 1.59 15.03
CA ARG B 295 -18.67 0.63 15.73
C ARG B 295 -19.13 -0.42 14.73
N GLY B 296 -19.14 -1.68 15.16
CA GLY B 296 -19.52 -2.79 14.31
C GLY B 296 -21.02 -2.79 13.99
N ASP B 297 -21.34 -3.08 12.72
CA ASP B 297 -22.71 -3.20 12.25
C ASP B 297 -22.96 -4.64 11.83
N VAL B 298 -24.22 -5.05 11.85
CA VAL B 298 -24.52 -6.44 11.55
C VAL B 298 -24.88 -6.58 10.08
N VAL B 299 -24.20 -7.51 9.42
CA VAL B 299 -24.47 -7.82 8.02
C VAL B 299 -24.81 -9.31 7.88
N GLY B 300 -25.91 -9.61 7.19
CA GLY B 300 -26.24 -10.99 6.89
C GLY B 300 -26.64 -11.19 5.44
N PHE B 301 -26.09 -12.22 4.81
CA PHE B 301 -26.49 -12.61 3.47
C PHE B 301 -27.66 -13.59 3.54
N GLY B 302 -28.86 -13.07 3.34
CA GLY B 302 -30.07 -13.86 3.46
C GLY B 302 -30.51 -14.51 2.16
N ASN B 303 -31.82 -14.70 2.03
CA ASN B 303 -32.41 -15.31 0.84
C ASN B 303 -32.55 -14.36 -0.35
N ALA B 304 -33.17 -13.21 -0.12
CA ALA B 304 -33.44 -12.26 -1.18
C ALA B 304 -32.24 -11.35 -1.46
N GLY B 305 -31.37 -11.23 -0.45
CA GLY B 305 -30.17 -10.42 -0.56
C GLY B 305 -29.50 -10.11 0.77
N VAL B 306 -28.83 -8.97 0.83
CA VAL B 306 -28.04 -8.59 1.99
C VAL B 306 -28.85 -7.71 2.95
N TYR B 307 -28.94 -8.14 4.21
CA TYR B 307 -29.60 -7.37 5.25
C TYR B 307 -28.54 -6.74 6.14
N VAL B 308 -28.81 -5.55 6.67
CA VAL B 308 -27.94 -4.90 7.66
C VAL B 308 -28.74 -4.31 8.82
N ALA B 309 -28.09 -4.21 9.97
CA ALA B 309 -28.61 -3.37 11.05
C ALA B 309 -27.50 -2.45 11.50
N LEU B 310 -27.79 -1.17 11.58
CA LEU B 310 -26.76 -0.19 11.83
C LEU B 310 -26.67 0.23 13.30
N ASN B 311 -25.49 0.06 13.88
CA ASN B 311 -25.16 0.48 15.24
C ASN B 311 -25.36 1.99 15.43
N ASN B 312 -26.04 2.40 16.49
CA ASN B 312 -26.25 3.82 16.77
C ASN B 312 -24.98 4.51 17.28
N GLY B 313 -23.98 3.69 17.60
CA GLY B 313 -22.74 4.18 18.17
C GLY B 313 -22.48 3.65 19.58
N ASP B 314 -23.52 3.09 20.20
CA ASP B 314 -23.43 2.71 21.60
C ASP B 314 -23.86 1.27 21.86
N GLY B 315 -23.97 0.48 20.80
CA GLY B 315 -24.31 -0.92 20.95
C GLY B 315 -25.80 -1.18 20.90
N THR B 316 -26.57 -0.13 20.68
CA THR B 316 -27.97 -0.28 20.29
C THR B 316 -28.05 -0.03 18.80
N PHE B 317 -29.11 -0.56 18.19
CA PHE B 317 -29.21 -0.58 16.73
C PHE B 317 -30.55 -0.05 16.23
N GLN B 318 -30.54 0.52 15.03
CA GLN B 318 -31.75 0.70 14.23
C GLN B 318 -32.29 -0.68 13.86
N SER B 319 -33.46 -0.72 13.24
CA SER B 319 -34.02 -1.98 12.77
C SER B 319 -33.25 -2.50 11.55
N ALA B 320 -33.24 -3.82 11.40
CA ALA B 320 -32.64 -4.49 10.24
C ALA B 320 -33.40 -4.14 8.96
N LYS B 321 -32.70 -4.15 7.82
CA LYS B 321 -33.30 -3.89 6.51
C LYS B 321 -32.47 -4.49 5.40
N LEU B 322 -33.12 -4.83 4.29
CA LEU B 322 -32.45 -5.37 3.12
C LEU B 322 -31.89 -4.20 2.32
N VAL B 323 -30.59 -4.25 2.02
CA VAL B 323 -29.93 -3.15 1.32
C VAL B 323 -29.51 -3.53 -0.11
N LEU B 324 -29.55 -4.81 -0.44
CA LEU B 324 -29.06 -5.25 -1.76
C LEU B 324 -29.68 -6.56 -2.20
N LYS B 325 -30.46 -6.52 -3.27
CA LYS B 325 -31.04 -7.75 -3.81
C LYS B 325 -29.99 -8.54 -4.56
N ASP B 326 -28.96 -9.01 -3.84
CA ASP B 326 -27.92 -9.82 -4.46
C ASP B 326 -27.04 -10.52 -3.43
N PHE B 327 -26.17 -11.40 -3.93
CA PHE B 327 -25.26 -12.16 -3.07
C PHE B 327 -26.01 -13.09 -2.13
N GLY B 328 -27.28 -13.34 -2.41
CA GLY B 328 -28.10 -14.17 -1.55
C GLY B 328 -28.44 -15.51 -2.19
N VAL B 329 -29.11 -16.37 -1.43
CA VAL B 329 -29.49 -17.69 -1.92
C VAL B 329 -30.27 -17.62 -3.23
N GLN B 330 -31.28 -16.76 -3.28
CA GLN B 330 -32.12 -16.65 -4.47
C GLN B 330 -31.35 -16.25 -5.72
N GLN B 331 -30.21 -15.60 -5.53
CA GLN B 331 -29.34 -15.28 -6.66
C GLN B 331 -28.30 -16.38 -6.88
N GLY B 332 -28.47 -17.51 -6.20
CA GLY B 332 -27.66 -18.70 -6.42
C GLY B 332 -26.34 -18.80 -5.67
N TRP B 333 -26.16 -17.93 -4.67
CA TRP B 333 -24.93 -17.95 -3.87
C TRP B 333 -24.97 -19.06 -2.83
N THR B 334 -23.93 -19.89 -2.81
CA THR B 334 -23.85 -20.96 -1.82
C THR B 334 -22.55 -20.95 -1.04
N VAL B 335 -22.65 -21.30 0.23
CA VAL B 335 -21.49 -21.35 1.12
C VAL B 335 -20.50 -22.40 0.66
N SER B 336 -20.95 -23.36 -0.15
CA SER B 336 -20.10 -24.49 -0.51
C SER B 336 -19.24 -24.27 -1.75
N LYS B 337 -19.60 -23.28 -2.57
CA LYS B 337 -18.84 -23.02 -3.79
C LYS B 337 -18.30 -21.60 -3.87
N HIS B 338 -18.98 -20.66 -3.20
CA HIS B 338 -18.65 -19.25 -3.36
C HIS B 338 -18.12 -18.60 -2.07
N ARG B 339 -17.44 -17.47 -2.23
CA ARG B 339 -16.91 -16.73 -1.09
C ARG B 339 -17.49 -15.32 -1.02
N ARG B 340 -17.86 -14.89 0.17
CA ARG B 340 -18.37 -13.54 0.34
C ARG B 340 -17.59 -12.80 1.43
N PHE B 341 -17.32 -11.52 1.19
CA PHE B 341 -16.48 -10.73 2.10
C PHE B 341 -17.10 -9.38 2.35
N VAL B 342 -16.96 -8.88 3.56
CA VAL B 342 -17.44 -7.55 3.93
C VAL B 342 -16.27 -6.75 4.47
N VAL B 343 -15.64 -5.96 3.61
CA VAL B 343 -14.40 -5.27 3.94
C VAL B 343 -14.32 -3.95 3.18
N ASP B 344 -13.62 -2.97 3.75
CA ASP B 344 -13.43 -1.70 3.06
C ASP B 344 -12.49 -1.90 1.88
N LEU B 345 -12.96 -1.58 0.69
CA LEU B 345 -12.15 -1.66 -0.53
C LEU B 345 -11.78 -0.27 -1.05
N THR B 346 -12.32 0.78 -0.42
CA THR B 346 -12.27 2.12 -0.99
C THR B 346 -11.72 3.18 -0.04
N GLY B 347 -11.22 2.75 1.12
CA GLY B 347 -10.57 3.64 2.05
C GLY B 347 -11.43 4.73 2.69
N ASP B 348 -12.76 4.59 2.65
CA ASP B 348 -13.63 5.54 3.34
C ASP B 348 -14.11 5.01 4.69
N GLY B 349 -13.58 3.87 5.13
CA GLY B 349 -13.95 3.34 6.44
C GLY B 349 -15.33 2.69 6.52
N CYS B 350 -16.01 2.62 5.38
CA CYS B 350 -17.32 2.00 5.31
C CYS B 350 -17.22 0.73 4.48
N ALA B 351 -17.48 -0.43 5.10
CA ALA B 351 -17.21 -1.70 4.44
C ALA B 351 -18.06 -1.97 3.22
N ASP B 352 -17.41 -2.49 2.18
CA ASP B 352 -18.04 -2.84 0.93
C ASP B 352 -18.24 -4.35 0.85
N ILE B 353 -18.90 -4.80 -0.20
CA ILE B 353 -19.18 -6.20 -0.34
C ILE B 353 -18.52 -6.71 -1.61
N ILE B 354 -17.77 -7.79 -1.47
CA ILE B 354 -17.19 -8.44 -2.64
C ILE B 354 -17.49 -9.94 -2.57
N GLY B 355 -17.77 -10.54 -3.72
CA GLY B 355 -18.13 -11.95 -3.75
C GLY B 355 -17.46 -12.65 -4.90
N PHE B 356 -16.83 -13.79 -4.59
CA PHE B 356 -16.25 -14.65 -5.62
C PHE B 356 -17.31 -15.65 -6.01
N GLY B 357 -17.93 -15.43 -7.16
CA GLY B 357 -19.08 -16.24 -7.57
C GLY B 357 -18.75 -17.40 -8.47
N GLU B 358 -19.74 -17.80 -9.26
CA GLU B 358 -19.57 -18.97 -10.13
C GLU B 358 -18.47 -18.78 -11.18
N LYS B 359 -18.60 -17.74 -11.99
CA LYS B 359 -17.62 -17.47 -13.03
C LYS B 359 -17.13 -16.04 -12.97
N GLU B 360 -17.54 -15.32 -11.93
CA GLU B 360 -17.19 -13.92 -11.80
C GLU B 360 -17.04 -13.49 -10.35
N THR B 361 -16.15 -12.53 -10.13
CA THR B 361 -15.99 -11.86 -8.86
C THR B 361 -16.69 -10.50 -8.92
N LEU B 362 -17.72 -10.34 -8.10
CA LEU B 362 -18.58 -9.17 -8.14
C LEU B 362 -18.36 -8.26 -6.93
N VAL B 363 -18.73 -6.98 -7.07
CA VAL B 363 -18.58 -6.01 -5.98
C VAL B 363 -19.77 -5.05 -5.93
N SER B 364 -20.13 -4.62 -4.72
CA SER B 364 -21.08 -3.53 -4.52
C SER B 364 -20.45 -2.57 -3.53
N TYR B 365 -20.39 -1.29 -3.89
CA TYR B 365 -19.71 -0.32 -3.04
C TYR B 365 -20.66 0.36 -2.05
N ASN B 366 -20.23 0.40 -0.79
CA ASN B 366 -20.93 1.17 0.25
C ASN B 366 -20.94 2.65 -0.16
N ASP B 367 -22.10 3.30 -0.03
CA ASP B 367 -22.21 4.68 -0.46
C ASP B 367 -21.62 5.63 0.57
N GLY B 368 -21.35 5.11 1.77
CA GLY B 368 -20.73 5.89 2.82
C GLY B 368 -21.68 6.05 3.99
N LYS B 369 -22.86 5.47 3.85
CA LYS B 369 -23.91 5.57 4.85
C LYS B 369 -24.52 4.20 5.15
N GLY B 370 -23.94 3.15 4.56
CA GLY B 370 -24.46 1.81 4.76
C GLY B 370 -25.42 1.36 3.67
N ASN B 371 -25.64 2.20 2.67
CA ASN B 371 -26.40 1.80 1.50
C ASN B 371 -25.43 1.25 0.46
N PHE B 372 -25.94 0.50 -0.52
CA PHE B 372 -25.07 -0.14 -1.50
C PHE B 372 -25.48 0.13 -2.94
N GLY B 373 -24.49 0.41 -3.78
CA GLY B 373 -24.73 0.69 -5.18
C GLY B 373 -24.86 -0.57 -6.01
N PRO B 374 -25.08 -0.39 -7.32
CA PRO B 374 -25.29 -1.54 -8.19
C PRO B 374 -24.09 -2.47 -8.18
N VAL B 375 -24.35 -3.77 -8.28
CA VAL B 375 -23.31 -4.79 -8.38
C VAL B 375 -22.56 -4.66 -9.70
N LYS B 376 -21.24 -4.66 -9.63
CA LYS B 376 -20.39 -4.52 -10.80
C LYS B 376 -19.46 -5.72 -10.89
N ALA B 377 -19.32 -6.27 -12.09
CA ALA B 377 -18.35 -7.33 -12.31
C ALA B 377 -16.96 -6.74 -12.21
N LEU B 378 -16.17 -7.27 -11.29
CA LEU B 378 -14.81 -6.79 -11.07
C LEU B 378 -13.81 -7.53 -11.96
N THR B 379 -13.87 -8.86 -11.95
CA THR B 379 -12.94 -9.69 -12.73
C THR B 379 -13.46 -11.11 -12.76
N ASN B 380 -13.02 -11.89 -13.75
CA ASN B 380 -13.41 -13.30 -13.84
C ASN B 380 -12.52 -14.14 -12.94
N ASP B 381 -11.42 -13.54 -12.50
CA ASP B 381 -10.45 -14.26 -11.68
C ASP B 381 -10.98 -14.42 -10.25
N PHE B 382 -10.45 -15.45 -9.57
CA PHE B 382 -10.81 -15.80 -8.21
C PHE B 382 -12.20 -16.41 -8.10
N SER B 383 -12.89 -16.55 -9.23
CA SER B 383 -14.23 -17.13 -9.24
C SER B 383 -14.12 -18.64 -9.26
N PHE B 384 -15.18 -19.32 -8.82
CA PHE B 384 -15.16 -20.78 -8.76
C PHE B 384 -14.62 -21.39 -10.07
N SER B 385 -15.13 -20.91 -11.21
CA SER B 385 -14.65 -21.34 -12.53
C SER B 385 -14.29 -22.83 -12.56
N GLY B 386 -15.30 -23.66 -12.31
CA GLY B 386 -15.13 -25.03 -11.81
C GLY B 386 -13.98 -25.91 -12.23
N GLY B 387 -13.08 -26.26 -11.30
CA GLY B 387 -13.09 -25.76 -9.94
C GLY B 387 -11.72 -25.18 -9.61
N LYS B 388 -11.33 -24.20 -10.42
CA LYS B 388 -10.08 -23.47 -10.26
C LYS B 388 -9.96 -22.88 -8.87
N TRP B 389 -11.10 -22.45 -8.32
CA TRP B 389 -11.14 -21.92 -6.96
C TRP B 389 -12.11 -22.64 -6.03
N ALA B 390 -12.18 -23.96 -6.20
CA ALA B 390 -12.97 -24.79 -5.28
C ALA B 390 -12.49 -24.59 -3.85
N PRO B 391 -13.43 -24.29 -2.94
CA PRO B 391 -13.08 -24.18 -1.51
C PRO B 391 -12.35 -25.40 -0.94
N GLU B 392 -12.54 -26.59 -1.52
CA GLU B 392 -11.87 -27.78 -0.98
C GLU B 392 -10.37 -27.80 -1.21
N THR B 393 -9.91 -27.06 -2.23
CA THR B 393 -8.54 -27.18 -2.69
C THR B 393 -7.79 -25.85 -2.73
N THR B 394 -8.50 -24.77 -2.44
CA THR B 394 -7.94 -23.43 -2.48
C THR B 394 -8.40 -22.62 -1.26
N VAL B 395 -7.69 -21.55 -0.97
CA VAL B 395 -8.03 -20.68 0.16
C VAL B 395 -7.97 -19.23 -0.33
N CYS B 396 -8.96 -18.44 0.00
CA CYS B 396 -8.98 -17.02 -0.36
C CYS B 396 -9.27 -16.18 0.87
N TRP B 397 -8.45 -15.15 1.06
CA TRP B 397 -8.66 -14.20 2.14
C TRP B 397 -8.65 -12.80 1.56
N MET B 398 -9.27 -11.87 2.26
CA MET B 398 -8.98 -10.45 2.08
C MET B 398 -7.94 -10.07 3.14
N ALA B 399 -7.06 -9.15 2.80
CA ALA B 399 -5.99 -8.73 3.69
C ALA B 399 -5.44 -7.43 3.17
N ASN B 400 -4.85 -6.65 4.08
CA ASN B 400 -4.19 -5.41 3.69
C ASN B 400 -2.70 -5.68 3.62
N LEU B 401 -2.17 -5.83 2.42
CA LEU B 401 -0.78 -6.25 2.27
C LEU B 401 0.14 -5.15 2.74
N ASP B 402 -0.34 -3.91 2.63
CA ASP B 402 0.41 -2.75 3.07
C ASP B 402 -0.28 -2.08 4.24
N SER B 403 0.09 -2.47 5.45
CA SER B 403 -0.48 -1.88 6.65
C SER B 403 0.03 -0.47 6.90
#